data_8RG5
#
_entry.id   8RG5
#
_cell.length_a   139.295
_cell.length_b   139.295
_cell.length_c   104.686
_cell.angle_alpha   90.00
_cell.angle_beta   90.00
_cell.angle_gamma   90.00
#
_symmetry.space_group_name_H-M   'P 41 21 2'
#
loop_
_entity.id
_entity.type
_entity.pdbx_description
1 polymer 'Glycoside-hydrolase family GH114 TIM-barrel domain-containing protein'
2 non-polymer 1,2-ETHANEDIOL
3 non-polymer GLYCEROL
4 water water
#
_entity_poly.entity_id   1
_entity_poly.type   'polypeptide(L)'
_entity_poly.pdbx_seq_one_letter_code
;HYPEFSWDTVPIAFHFGKSQGLLTKEEAEFVATRSNFICLEKGHATRTHGTTEAGIEAEARQLKNLNPKMKVIFYWNTFL
DYSMFAAHKEYAKHPQWWLRTTTGELDRKKGQLMRYDLSNAEFRNWWTNVAAKAVVDGTCDGVFMDAFPQIASQANRKLW
GDEKFEAIQQGLQDIIQETRQKIGDDKLIVYNGIRSTPDWSAGFDFAEYTDAAMIEHFGHFQSASKETMLRDILEMQRAA
KAGKIVVLKGWAGFTFIDDQAMRKPLTQKRRVAKDSLKFPLACFLAGAQENCYFIYNWGYRMENGCLEWYPEFDKPLGKP
VGEMVRDGWKLSREYKHASVRVDLESKEAEIRWR
;
_entity_poly.pdbx_strand_id   A,B
#
# COMPACT_ATOMS: atom_id res chain seq x y z
N HIS A 1 22.58 12.21 -16.59
CA HIS A 1 22.76 10.97 -15.84
C HIS A 1 21.83 10.89 -14.64
N TYR A 2 20.90 11.84 -14.58
CA TYR A 2 19.87 11.88 -13.57
C TYR A 2 18.85 10.77 -13.81
N PRO A 3 18.13 10.35 -12.77
CA PRO A 3 16.99 9.45 -13.00
C PRO A 3 16.03 10.10 -13.98
N GLU A 4 15.39 9.27 -14.80
CA GLU A 4 14.37 9.76 -15.71
C GLU A 4 13.18 10.29 -14.89
N PHE A 5 12.89 11.56 -15.07
CA PHE A 5 11.92 12.31 -14.25
C PHE A 5 10.67 12.57 -15.08
N SER A 6 9.52 12.56 -14.42
CA SER A 6 8.25 12.74 -15.09
C SER A 6 7.27 13.41 -14.14
N TRP A 7 6.41 14.28 -14.69
CA TRP A 7 5.35 14.94 -13.95
C TRP A 7 4.00 14.22 -14.02
N ASP A 8 3.94 13.02 -14.60
CA ASP A 8 2.64 12.36 -14.79
C ASP A 8 1.90 12.22 -13.46
N THR A 9 2.63 11.86 -12.41
CA THR A 9 2.13 11.72 -11.07
C THR A 9 3.18 12.31 -10.13
N VAL A 10 2.85 12.39 -8.83
CA VAL A 10 3.80 12.90 -7.83
C VAL A 10 5.11 12.16 -7.98
N PRO A 11 6.22 12.84 -8.23
CA PRO A 11 7.53 12.16 -8.29
C PRO A 11 7.95 11.63 -6.92
N ILE A 12 8.26 10.34 -6.89
CA ILE A 12 8.46 9.56 -5.69
C ILE A 12 9.82 8.88 -5.79
N ALA A 13 10.58 8.93 -4.69
CA ALA A 13 11.81 8.17 -4.49
C ALA A 13 11.66 7.24 -3.29
N PHE A 14 12.51 6.22 -3.23
CA PHE A 14 12.55 5.33 -2.08
C PHE A 14 13.92 5.44 -1.40
N HIS A 15 13.93 5.26 -0.07
CA HIS A 15 15.17 5.24 0.71
C HIS A 15 14.90 4.38 1.94
N PHE A 16 15.32 3.11 1.87
CA PHE A 16 15.12 2.18 2.98
C PHE A 16 16.01 0.95 2.85
N GLY A 17 15.98 0.12 3.88
CA GLY A 17 16.69 -1.15 3.87
C GLY A 17 15.79 -2.23 4.45
N LYS A 18 15.92 -3.43 3.90
CA LYS A 18 15.26 -4.64 4.38
C LYS A 18 16.35 -5.58 4.87
N SER A 19 16.58 -5.64 6.18
N SER A 19 16.57 -5.64 6.18
CA SER A 19 17.76 -6.37 6.66
CA SER A 19 17.73 -6.37 6.69
C SER A 19 17.58 -7.89 6.57
C SER A 19 17.57 -7.88 6.55
N GLN A 20 16.33 -8.39 6.64
CA GLN A 20 16.09 -9.82 6.71
C GLN A 20 16.29 -10.54 5.38
N GLY A 21 16.40 -9.82 4.26
CA GLY A 21 16.74 -10.44 2.99
C GLY A 21 16.45 -9.53 1.81
N LEU A 22 16.66 -10.07 0.61
CA LEU A 22 16.31 -9.29 -0.57
C LEU A 22 14.82 -8.97 -0.58
N LEU A 23 14.44 -7.93 -1.32
CA LEU A 23 13.02 -7.73 -1.57
C LEU A 23 12.46 -9.01 -2.20
N THR A 24 11.25 -9.41 -1.80
CA THR A 24 10.60 -10.47 -2.58
C THR A 24 10.42 -9.97 -4.03
N LYS A 25 10.10 -10.90 -4.91
CA LYS A 25 9.74 -10.50 -6.27
C LYS A 25 8.57 -9.50 -6.27
N GLU A 26 7.55 -9.74 -5.45
CA GLU A 26 6.41 -8.84 -5.39
C GLU A 26 6.82 -7.50 -4.82
N GLU A 27 7.71 -7.50 -3.83
CA GLU A 27 8.17 -6.22 -3.28
C GLU A 27 9.01 -5.46 -4.31
N ALA A 28 9.88 -6.18 -5.03
CA ALA A 28 10.73 -5.52 -6.02
C ALA A 28 9.90 -4.97 -7.19
N GLU A 29 8.92 -5.73 -7.65
CA GLU A 29 7.99 -5.22 -8.66
C GLU A 29 7.26 -3.98 -8.13
N PHE A 30 6.74 -4.06 -6.91
CA PHE A 30 6.02 -2.92 -6.35
C PHE A 30 6.88 -1.66 -6.41
N VAL A 31 8.13 -1.78 -5.95
CA VAL A 31 9.05 -0.63 -5.94
C VAL A 31 9.45 -0.20 -7.37
N ALA A 32 9.83 -1.17 -8.20
CA ALA A 32 10.44 -0.83 -9.49
C ALA A 32 9.45 -0.20 -10.47
N THR A 33 8.16 -0.50 -10.31
CA THR A 33 7.15 0.08 -11.18
C THR A 33 6.66 1.43 -10.67
N ARG A 34 7.14 1.88 -9.52
CA ARG A 34 6.64 3.10 -8.93
C ARG A 34 7.69 4.19 -8.79
N SER A 35 8.95 3.94 -9.13
CA SER A 35 9.97 4.97 -9.00
C SER A 35 11.16 4.61 -9.87
N ASN A 36 11.94 5.63 -10.24
CA ASN A 36 13.21 5.46 -10.91
C ASN A 36 14.40 5.77 -9.99
N PHE A 37 14.19 5.90 -8.67
CA PHE A 37 15.23 6.45 -7.77
C PHE A 37 15.12 5.80 -6.41
N ILE A 38 16.11 4.98 -6.05
CA ILE A 38 16.11 4.29 -4.76
C ILE A 38 17.52 4.25 -4.18
N CYS A 39 17.63 4.60 -2.89
CA CYS A 39 18.79 4.29 -2.08
C CYS A 39 18.47 3.13 -1.17
N LEU A 40 19.35 2.13 -1.18
CA LEU A 40 19.27 0.95 -0.34
C LEU A 40 20.17 1.15 0.88
N GLU A 41 19.60 0.98 2.06
CA GLU A 41 20.20 1.42 3.31
C GLU A 41 21.24 0.43 3.81
N LYS A 42 22.04 0.89 4.77
CA LYS A 42 22.90 0.02 5.54
C LYS A 42 22.12 -1.16 6.08
N GLY A 43 22.71 -2.35 5.93
CA GLY A 43 22.11 -3.57 6.43
C GLY A 43 21.26 -4.35 5.45
N HIS A 44 21.06 -3.82 4.25
CA HIS A 44 20.08 -4.39 3.33
C HIS A 44 20.44 -5.84 2.94
N ALA A 45 19.53 -6.75 3.26
CA ALA A 45 19.65 -8.17 2.93
C ALA A 45 20.84 -8.85 3.60
N THR A 46 21.36 -8.29 4.70
CA THR A 46 22.54 -8.90 5.34
C THR A 46 22.23 -10.28 5.92
N ARG A 47 20.98 -10.52 6.32
CA ARG A 47 20.73 -11.80 6.96
C ARG A 47 20.99 -12.96 6.03
N THR A 48 20.71 -12.78 4.74
CA THR A 48 20.93 -13.84 3.75
C THR A 48 22.24 -13.67 2.97
N HIS A 49 22.65 -12.42 2.70
CA HIS A 49 23.85 -12.14 1.92
C HIS A 49 25.05 -11.73 2.75
N GLY A 50 24.93 -11.70 4.07
CA GLY A 50 26.10 -11.47 4.91
C GLY A 50 26.63 -10.04 5.05
N THR A 51 26.80 -9.34 3.94
CA THR A 51 27.30 -7.97 3.97
C THR A 51 26.36 -7.07 3.20
N THR A 52 26.35 -5.79 3.60
CA THR A 52 25.52 -4.82 2.90
C THR A 52 25.92 -4.74 1.42
N GLU A 53 27.22 -4.74 1.15
CA GLU A 53 27.69 -4.65 -0.22
C GLU A 53 27.11 -5.79 -1.07
N ALA A 54 27.09 -7.00 -0.51
CA ALA A 54 26.57 -8.15 -1.26
C ALA A 54 25.06 -8.03 -1.42
N GLY A 55 24.35 -7.66 -0.34
CA GLY A 55 22.91 -7.51 -0.43
C GLY A 55 22.51 -6.45 -1.43
N ILE A 56 23.17 -5.29 -1.37
CA ILE A 56 22.78 -4.19 -2.25
C ILE A 56 23.05 -4.55 -3.71
N GLU A 57 24.18 -5.21 -3.97
CA GLU A 57 24.53 -5.58 -5.34
C GLU A 57 23.49 -6.54 -5.90
N ALA A 58 23.12 -7.57 -5.13
CA ALA A 58 22.11 -8.50 -5.63
C ALA A 58 20.76 -7.79 -5.79
N GLU A 59 20.42 -6.87 -4.88
CA GLU A 59 19.18 -6.12 -5.02
C GLU A 59 19.20 -5.21 -6.25
N ALA A 60 20.32 -4.52 -6.47
CA ALA A 60 20.43 -3.64 -7.63
C ALA A 60 20.14 -4.40 -8.90
N ARG A 61 20.67 -5.63 -9.01
CA ARG A 61 20.41 -6.43 -10.20
C ARG A 61 18.92 -6.76 -10.32
N GLN A 62 18.30 -7.18 -9.22
CA GLN A 62 16.88 -7.53 -9.28
C GLN A 62 16.05 -6.35 -9.75
N LEU A 63 16.26 -5.18 -9.13
CA LEU A 63 15.43 -4.02 -9.45
C LEU A 63 15.62 -3.57 -10.91
N LYS A 64 16.86 -3.52 -11.38
CA LYS A 64 17.10 -2.99 -12.72
C LYS A 64 16.68 -3.98 -13.79
N ASN A 65 16.69 -5.27 -13.46
CA ASN A 65 16.05 -6.25 -14.35
C ASN A 65 14.57 -5.92 -14.55
N LEU A 66 13.89 -5.47 -13.50
CA LEU A 66 12.48 -5.12 -13.58
C LEU A 66 12.26 -3.75 -14.21
N ASN A 67 13.09 -2.76 -13.83
CA ASN A 67 12.98 -1.40 -14.35
C ASN A 67 14.38 -0.93 -14.72
N PRO A 68 14.77 -1.10 -15.98
CA PRO A 68 16.14 -0.73 -16.38
C PRO A 68 16.44 0.75 -16.20
N LYS A 69 15.43 1.59 -16.03
CA LYS A 69 15.65 3.00 -15.80
C LYS A 69 15.94 3.33 -14.33
N MET A 70 15.85 2.35 -13.43
CA MET A 70 16.01 2.67 -12.02
C MET A 70 17.47 2.98 -11.70
N LYS A 71 17.69 4.06 -10.97
CA LYS A 71 18.99 4.41 -10.43
C LYS A 71 19.05 3.89 -8.99
N VAL A 72 19.96 2.97 -8.73
CA VAL A 72 20.08 2.35 -7.42
C VAL A 72 21.31 2.93 -6.73
N ILE A 73 21.11 3.46 -5.53
CA ILE A 73 22.11 4.27 -4.85
C ILE A 73 22.68 3.49 -3.66
N PHE A 74 24.01 3.37 -3.60
CA PHE A 74 24.72 2.66 -2.54
C PHE A 74 24.86 3.56 -1.33
N TYR A 75 24.28 3.14 -0.19
CA TYR A 75 24.40 3.92 1.05
C TYR A 75 25.81 3.71 1.62
N TRP A 76 26.55 4.81 1.81
CA TRP A 76 27.92 4.70 2.31
C TRP A 76 28.18 5.93 3.20
N ASN A 77 28.15 5.72 4.52
CA ASN A 77 28.18 6.81 5.48
C ASN A 77 29.55 7.48 5.49
N THR A 78 29.57 8.80 5.36
CA THR A 78 30.80 9.57 5.22
C THR A 78 31.56 9.72 6.54
N PHE A 79 30.96 9.35 7.66
CA PHE A 79 31.49 9.69 8.97
C PHE A 79 31.57 8.51 9.94
N LEU A 80 30.81 7.43 9.73
CA LEU A 80 30.59 6.41 10.75
C LEU A 80 30.92 5.02 10.21
N ASP A 81 31.57 4.23 11.07
CA ASP A 81 32.08 2.89 10.76
C ASP A 81 31.06 1.84 11.17
N TYR A 82 30.04 1.67 10.32
CA TYR A 82 28.97 0.71 10.60
C TYR A 82 29.43 -0.72 10.39
N SER A 83 28.99 -1.60 11.30
CA SER A 83 29.52 -2.96 11.38
C SER A 83 28.99 -3.91 10.31
N MET A 84 27.88 -3.59 9.63
CA MET A 84 27.24 -4.57 8.74
C MET A 84 27.73 -4.47 7.29
N PHE A 85 28.96 -4.00 7.09
CA PHE A 85 29.59 -3.90 5.79
C PHE A 85 30.88 -4.71 5.78
N ALA A 86 31.18 -5.36 4.65
CA ALA A 86 32.49 -5.99 4.52
C ALA A 86 33.60 -4.98 4.78
N ALA A 87 33.36 -3.71 4.40
CA ALA A 87 34.33 -2.65 4.57
C ALA A 87 34.75 -2.47 6.02
N HIS A 88 33.84 -2.74 6.95
CA HIS A 88 34.11 -2.58 8.37
C HIS A 88 35.32 -3.39 8.83
N LYS A 89 35.43 -4.63 8.34
CA LYS A 89 36.59 -5.46 8.68
C LYS A 89 37.87 -4.91 8.06
N GLU A 90 37.78 -4.25 6.90
CA GLU A 90 38.98 -3.64 6.32
C GLU A 90 39.43 -2.43 7.13
N TYR A 91 38.47 -1.62 7.58
CA TYR A 91 38.75 -0.46 8.42
C TYR A 91 39.32 -0.90 9.77
N ALA A 92 38.89 -2.04 10.29
CA ALA A 92 39.46 -2.55 11.54
C ALA A 92 40.93 -2.90 11.39
N LYS A 93 41.40 -3.09 10.16
CA LYS A 93 42.79 -3.46 9.90
C LYS A 93 43.72 -2.26 9.87
N HIS A 94 43.19 -1.04 10.01
CA HIS A 94 43.99 0.18 9.90
C HIS A 94 43.86 1.07 11.12
N PRO A 95 44.26 0.56 12.28
CA PRO A 95 44.17 1.37 13.51
C PRO A 95 44.96 2.67 13.44
N GLN A 96 45.97 2.76 12.57
CA GLN A 96 46.67 4.03 12.40
C GLN A 96 45.76 5.14 11.91
N TRP A 97 44.65 4.80 11.24
CA TRP A 97 43.70 5.81 10.79
C TRP A 97 42.74 6.26 11.89
N TRP A 98 42.54 5.47 12.94
CA TRP A 98 41.38 5.70 13.80
C TRP A 98 41.41 7.08 14.42
N LEU A 99 40.28 7.79 14.32
CA LEU A 99 40.16 9.12 14.93
C LEU A 99 40.22 9.06 16.46
N ARG A 100 40.93 10.02 17.04
CA ARG A 100 41.07 10.11 18.49
C ARG A 100 40.81 11.55 18.93
N THR A 101 40.46 11.71 20.20
CA THR A 101 40.19 13.02 20.76
C THR A 101 41.46 13.62 21.34
N THR A 102 41.34 14.85 21.85
CA THR A 102 42.49 15.56 22.42
C THR A 102 43.05 14.87 23.66
N THR A 103 42.33 13.93 24.24
CA THR A 103 42.81 13.18 25.37
C THR A 103 43.35 11.82 24.98
N GLY A 104 43.25 11.44 23.69
CA GLY A 104 43.74 10.15 23.22
C GLY A 104 42.69 9.05 23.13
N GLU A 105 41.47 9.27 23.66
CA GLU A 105 40.46 8.22 23.56
C GLU A 105 39.96 8.13 22.13
N LEU A 106 39.59 6.92 21.71
CA LEU A 106 38.99 6.73 20.40
C LEU A 106 37.67 7.48 20.33
N ASP A 107 37.47 8.19 19.23
CA ASP A 107 36.24 8.92 19.02
C ASP A 107 35.20 7.92 18.51
N ARG A 108 34.20 7.63 19.34
CA ARG A 108 33.17 6.66 19.01
C ARG A 108 31.81 7.19 19.40
N LYS A 109 30.87 7.08 18.47
CA LYS A 109 29.50 7.54 18.68
C LYS A 109 28.79 6.60 19.65
N LYS A 110 28.11 7.19 20.63
CA LYS A 110 27.48 6.40 21.68
C LYS A 110 28.43 5.33 22.20
N GLY A 111 29.74 5.60 22.16
CA GLY A 111 30.73 4.69 22.72
C GLY A 111 30.95 3.39 21.99
N GLN A 112 30.37 3.19 20.78
CA GLN A 112 30.57 1.92 20.09
C GLN A 112 30.96 2.08 18.61
N LEU A 113 30.56 3.17 18.01
CA LEU A 113 30.69 3.37 16.56
C LEU A 113 31.78 4.37 16.25
N MET A 114 32.90 3.90 15.68
CA MET A 114 34.01 4.80 15.41
C MET A 114 33.63 5.86 14.39
N ARG A 115 34.15 7.08 14.56
CA ARG A 115 33.95 8.16 13.60
C ARG A 115 35.24 8.41 12.83
N TYR A 116 35.11 8.65 11.52
CA TYR A 116 36.25 8.73 10.61
C TYR A 116 36.99 10.06 10.75
N ASP A 117 38.35 10.00 10.65
CA ASP A 117 39.20 11.18 10.47
C ASP A 117 39.26 11.57 8.99
N LEU A 118 38.34 12.45 8.55
CA LEU A 118 38.30 12.79 7.14
C LEU A 118 39.57 13.51 6.68
N SER A 119 40.39 14.02 7.60
CA SER A 119 41.62 14.71 7.23
C SER A 119 42.74 13.73 6.85
N ASN A 120 42.56 12.43 7.09
CA ASN A 120 43.54 11.42 6.75
C ASN A 120 43.38 10.97 5.31
N ALA A 121 44.39 11.24 4.47
CA ALA A 121 44.28 11.02 3.03
C ALA A 121 44.24 9.53 2.69
N GLU A 122 44.97 8.70 3.45
CA GLU A 122 44.92 7.25 3.25
C GLU A 122 43.51 6.75 3.48
N PHE A 123 42.88 7.20 4.57
CA PHE A 123 41.50 6.79 4.81
C PHE A 123 40.62 7.23 3.65
N ARG A 124 40.67 8.51 3.27
CA ARG A 124 39.82 8.98 2.17
C ARG A 124 40.02 8.11 0.95
N ASN A 125 41.28 7.73 0.67
CA ASN A 125 41.56 6.92 -0.51
C ASN A 125 40.82 5.59 -0.40
N TRP A 126 40.93 4.94 0.77
CA TRP A 126 40.21 3.70 1.02
C TRP A 126 38.70 3.89 0.96
N TRP A 127 38.18 5.00 1.50
CA TRP A 127 36.74 5.17 1.58
C TRP A 127 36.13 5.33 0.20
N THR A 128 36.80 6.11 -0.66
CA THR A 128 36.32 6.31 -2.01
C THR A 128 36.49 5.07 -2.87
N ASN A 129 37.52 4.25 -2.59
CA ASN A 129 37.62 2.97 -3.26
C ASN A 129 36.43 2.07 -2.94
N VAL A 130 35.90 2.13 -1.71
CA VAL A 130 34.72 1.33 -1.37
C VAL A 130 33.55 1.77 -2.24
N ALA A 131 33.32 3.08 -2.30
CA ALA A 131 32.23 3.60 -3.12
C ALA A 131 32.40 3.20 -4.59
N ALA A 132 33.63 3.30 -5.12
CA ALA A 132 33.80 3.05 -6.55
C ALA A 132 33.66 1.57 -6.86
N LYS A 133 33.99 0.71 -5.89
CA LYS A 133 33.75 -0.72 -6.05
C LYS A 133 32.25 -1.00 -6.16
N ALA A 134 31.43 -0.25 -5.41
CA ALA A 134 29.99 -0.49 -5.45
C ALA A 134 29.34 0.04 -6.73
N VAL A 135 29.83 1.16 -7.28
CA VAL A 135 29.14 1.84 -8.36
C VAL A 135 29.83 1.69 -9.71
N VAL A 136 31.15 1.49 -9.74
CA VAL A 136 31.88 1.29 -10.98
C VAL A 136 32.01 -0.21 -11.29
N ASP A 137 32.56 -0.98 -10.36
CA ASP A 137 32.63 -2.43 -10.55
C ASP A 137 31.25 -3.07 -10.42
N GLY A 138 30.39 -2.52 -9.55
CA GLY A 138 29.10 -3.10 -9.27
C GLY A 138 27.97 -2.47 -10.06
N THR A 139 26.76 -2.80 -9.63
CA THR A 139 25.56 -2.46 -10.38
C THR A 139 24.84 -1.23 -9.87
N CYS A 140 25.36 -0.57 -8.82
CA CYS A 140 24.73 0.67 -8.38
C CYS A 140 25.11 1.82 -9.33
N ASP A 141 24.28 2.87 -9.33
CA ASP A 141 24.48 4.02 -10.21
C ASP A 141 25.02 5.26 -9.49
N GLY A 142 25.15 5.21 -8.16
CA GLY A 142 25.65 6.34 -7.41
C GLY A 142 25.82 5.96 -5.95
N VAL A 143 26.22 6.96 -5.17
CA VAL A 143 26.48 6.80 -3.74
C VAL A 143 25.70 7.85 -2.96
N PHE A 144 25.23 7.47 -1.76
CA PHE A 144 24.55 8.37 -0.83
C PHE A 144 25.52 8.68 0.31
N MET A 145 26.04 9.90 0.35
CA MET A 145 27.01 10.30 1.36
C MET A 145 26.25 10.93 2.53
N ASP A 146 26.07 10.14 3.60
CA ASP A 146 25.32 10.56 4.77
C ASP A 146 26.19 11.35 5.74
N ALA A 147 25.52 12.09 6.63
CA ALA A 147 26.05 12.60 7.90
C ALA A 147 26.83 13.90 7.81
N PHE A 148 26.66 14.72 6.76
CA PHE A 148 27.44 15.95 6.68
C PHE A 148 27.21 16.85 7.90
N PRO A 149 25.98 17.05 8.37
CA PRO A 149 25.80 17.89 9.58
C PRO A 149 26.49 17.34 10.84
N GLN A 150 26.65 16.03 10.96
CA GLN A 150 27.37 15.48 12.09
C GLN A 150 28.84 15.84 11.99
N ILE A 151 29.41 15.75 10.78
CA ILE A 151 30.80 16.17 10.58
C ILE A 151 30.98 17.63 10.96
N ALA A 152 30.05 18.48 10.51
CA ALA A 152 30.26 19.93 10.66
C ALA A 152 29.85 20.43 12.04
N SER A 153 29.34 19.58 12.91
CA SER A 153 28.83 20.03 14.19
C SER A 153 29.92 20.72 15.02
N GLN A 154 29.58 21.91 15.53
CA GLN A 154 30.52 22.67 16.33
C GLN A 154 30.94 21.90 17.58
N ALA A 155 30.05 21.05 18.11
CA ALA A 155 30.38 20.25 19.28
C ALA A 155 31.65 19.43 19.09
N ASN A 156 31.97 19.08 17.84
CA ASN A 156 33.19 18.32 17.59
C ASN A 156 34.43 19.11 17.94
N ARG A 157 34.33 20.45 18.05
CA ARG A 157 35.51 21.22 18.44
C ARG A 157 35.97 20.84 19.84
N LYS A 158 35.05 20.56 20.77
CA LYS A 158 35.47 20.20 22.12
C LYS A 158 36.24 18.89 22.12
N LEU A 159 36.00 18.04 21.13
CA LEU A 159 36.64 16.74 21.05
C LEU A 159 37.98 16.75 20.34
N TRP A 160 38.11 17.59 19.30
CA TRP A 160 39.26 17.56 18.41
C TRP A 160 40.24 18.70 18.57
N GLY A 161 39.82 19.81 19.13
CA GLY A 161 40.61 21.01 18.88
C GLY A 161 40.21 21.68 17.58
N ASP A 162 40.33 23.01 17.56
CA ASP A 162 39.90 23.79 16.41
C ASP A 162 40.65 23.41 15.14
N GLU A 163 41.94 23.16 15.26
CA GLU A 163 42.77 22.93 14.08
C GLU A 163 42.38 21.64 13.39
N LYS A 164 42.23 20.58 14.17
CA LYS A 164 41.81 19.29 13.64
C LYS A 164 40.40 19.37 13.09
N PHE A 165 39.55 20.18 13.71
CA PHE A 165 38.21 20.40 13.18
C PHE A 165 38.28 21.04 11.78
N GLU A 166 39.11 22.06 11.61
CA GLU A 166 39.21 22.67 10.29
C GLU A 166 39.79 21.66 9.29
N ALA A 167 40.79 20.89 9.73
CA ALA A 167 41.38 19.87 8.86
C ALA A 167 40.33 18.86 8.42
N ILE A 168 39.38 18.53 9.31
CA ILE A 168 38.35 17.55 8.97
C ILE A 168 37.28 18.15 8.05
N GLN A 169 36.91 19.42 8.26
CA GLN A 169 36.04 20.09 7.30
C GLN A 169 36.68 20.13 5.91
N GLN A 170 37.97 20.51 5.84
CA GLN A 170 38.67 20.44 4.56
C GLN A 170 38.63 19.03 3.99
N GLY A 171 38.75 18.03 4.85
CA GLY A 171 38.73 16.65 4.41
C GLY A 171 37.39 16.23 3.85
N LEU A 172 36.29 16.81 4.36
CA LEU A 172 34.98 16.57 3.77
C LEU A 172 34.95 17.06 2.30
N GLN A 173 35.47 18.27 2.06
CA GLN A 173 35.54 18.76 0.68
C GLN A 173 36.43 17.84 -0.16
N ASP A 174 37.59 17.47 0.39
CA ASP A 174 38.50 16.57 -0.32
C ASP A 174 37.80 15.24 -0.67
N ILE A 175 37.09 14.64 0.28
CA ILE A 175 36.55 13.29 0.04
C ILE A 175 35.43 13.31 -1.03
N ILE A 176 34.67 14.39 -1.11
CA ILE A 176 33.66 14.53 -2.16
C ILE A 176 34.33 14.63 -3.53
N GLN A 177 35.32 15.51 -3.67
CA GLN A 177 36.06 15.62 -4.93
C GLN A 177 36.64 14.27 -5.35
N GLU A 178 37.32 13.60 -4.42
CA GLU A 178 37.90 12.29 -4.72
C GLU A 178 36.85 11.25 -5.05
N THR A 179 35.71 11.24 -4.33
CA THR A 179 34.59 10.40 -4.75
C THR A 179 34.24 10.62 -6.23
N ARG A 180 34.02 11.87 -6.62
CA ARG A 180 33.68 12.17 -8.02
C ARG A 180 34.80 11.71 -8.96
N GLN A 181 36.05 11.98 -8.60
CA GLN A 181 37.16 11.59 -9.46
C GLN A 181 37.13 10.10 -9.76
N LYS A 182 36.73 9.30 -8.77
CA LYS A 182 36.85 7.85 -8.83
C LYS A 182 35.63 7.20 -9.47
N ILE A 183 34.42 7.71 -9.24
CA ILE A 183 33.26 7.02 -9.80
C ILE A 183 32.88 7.51 -11.20
N GLY A 184 33.47 8.62 -11.67
CA GLY A 184 33.20 9.14 -12.99
C GLY A 184 32.03 10.11 -13.02
N ASP A 185 31.84 10.72 -14.21
CA ASP A 185 30.81 11.75 -14.37
C ASP A 185 29.43 11.16 -14.60
N ASP A 186 29.32 9.89 -14.97
CA ASP A 186 28.05 9.28 -15.29
C ASP A 186 27.33 8.76 -14.05
N LYS A 187 27.88 8.97 -12.86
CA LYS A 187 27.35 8.41 -11.62
C LYS A 187 26.80 9.50 -10.72
N LEU A 188 25.85 9.13 -9.88
CA LEU A 188 25.21 10.08 -9.00
C LEU A 188 25.88 10.15 -7.64
N ILE A 189 26.05 11.36 -7.16
CA ILE A 189 26.44 11.61 -5.78
C ILE A 189 25.26 12.27 -5.12
N VAL A 190 24.66 11.57 -4.17
CA VAL A 190 23.59 12.08 -3.30
C VAL A 190 24.22 12.30 -1.93
N TYR A 191 23.85 13.38 -1.25
CA TYR A 191 24.38 13.58 0.08
C TYR A 191 23.28 14.12 1.01
N ASN A 192 23.47 13.88 2.30
CA ASN A 192 22.59 14.41 3.34
C ASN A 192 23.39 15.46 4.11
N GLY A 193 23.04 16.73 3.91
CA GLY A 193 21.96 17.20 3.06
C GLY A 193 21.57 18.65 3.32
N ILE A 194 20.48 19.08 2.70
CA ILE A 194 19.92 20.38 3.05
C ILE A 194 19.28 20.30 4.43
N ARG A 195 19.48 21.33 5.23
CA ARG A 195 18.95 21.34 6.61
C ARG A 195 18.69 22.77 7.06
N SER A 196 17.49 23.00 7.59
CA SER A 196 17.13 24.32 8.11
C SER A 196 16.72 24.18 9.56
N THR A 197 17.44 24.87 10.44
CA THR A 197 17.15 24.99 11.87
C THR A 197 17.25 26.44 12.27
N PRO A 198 16.81 26.79 13.50
CA PRO A 198 16.81 28.21 13.89
C PRO A 198 18.19 28.81 13.94
N ASP A 199 19.20 28.05 14.30
CA ASP A 199 20.53 28.61 14.54
C ASP A 199 21.48 28.42 13.36
N TRP A 200 21.25 27.40 12.53
CA TRP A 200 22.20 26.99 11.49
C TRP A 200 21.39 26.36 10.39
N SER A 201 21.66 26.72 9.14
CA SER A 201 21.00 26.14 7.99
C SER A 201 22.03 25.90 6.91
N ALA A 202 21.92 24.74 6.26
CA ALA A 202 22.79 24.35 5.15
C ALA A 202 21.96 24.26 3.88
N GLY A 203 22.31 25.05 2.86
CA GLY A 203 21.73 24.93 1.54
C GLY A 203 22.44 23.86 0.73
N PHE A 204 22.04 23.75 -0.52
CA PHE A 204 22.70 22.85 -1.45
C PHE A 204 24.17 23.26 -1.55
N ASP A 205 25.07 22.29 -1.42
CA ASP A 205 26.48 22.60 -1.23
C ASP A 205 27.36 21.68 -2.06
N PHE A 206 28.61 22.11 -2.25
CA PHE A 206 29.61 21.35 -2.99
C PHE A 206 29.12 21.08 -4.41
N ALA A 207 28.44 22.07 -5.00
CA ALA A 207 27.68 21.86 -6.23
C ALA A 207 28.56 21.52 -7.41
N GLU A 208 29.87 21.80 -7.33
CA GLU A 208 30.73 21.43 -8.44
C GLU A 208 30.86 19.90 -8.56
N TYR A 209 30.53 19.16 -7.50
CA TYR A 209 30.74 17.72 -7.45
C TYR A 209 29.48 16.90 -7.22
N THR A 210 28.55 17.40 -6.40
CA THR A 210 27.38 16.65 -6.01
C THR A 210 26.23 16.88 -6.99
N ASP A 211 25.32 15.91 -7.05
CA ASP A 211 24.15 15.99 -7.91
C ASP A 211 22.84 16.20 -7.17
N ALA A 212 22.71 15.64 -5.97
CA ALA A 212 21.46 15.55 -5.26
C ALA A 212 21.70 15.76 -3.77
N ALA A 213 20.76 16.43 -3.12
CA ALA A 213 20.77 16.62 -1.67
C ALA A 213 19.41 16.24 -1.09
N MET A 214 19.42 15.56 0.05
CA MET A 214 18.17 15.26 0.73
C MET A 214 17.84 16.34 1.74
N ILE A 215 16.55 16.67 1.82
CA ILE A 215 16.01 17.47 2.93
C ILE A 215 15.42 16.45 3.89
N GLU A 216 16.22 15.97 4.84
CA GLU A 216 15.82 14.78 5.59
C GLU A 216 14.79 15.09 6.67
N HIS A 217 14.79 16.32 7.18
CA HIS A 217 14.02 16.67 8.36
C HIS A 217 12.82 17.56 8.03
N PHE A 218 12.27 17.46 6.81
CA PHE A 218 11.25 18.43 6.46
C PHE A 218 10.10 18.36 7.47
N GLY A 219 9.79 19.50 8.08
CA GLY A 219 8.66 19.66 8.97
C GLY A 219 8.83 19.10 10.37
N HIS A 220 9.97 18.50 10.69
CA HIS A 220 10.14 17.77 11.93
C HIS A 220 11.50 18.10 12.55
N PHE A 221 11.79 17.46 13.68
CA PHE A 221 13.01 17.64 14.47
C PHE A 221 13.18 19.13 14.78
N GLN A 222 14.27 19.76 14.39
CA GLN A 222 14.46 21.19 14.67
C GLN A 222 14.04 22.05 13.51
N SER A 223 13.35 21.46 12.52
CA SER A 223 12.99 22.10 11.28
C SER A 223 11.48 22.28 11.13
N ALA A 224 10.75 22.27 12.25
CA ALA A 224 9.29 22.28 12.25
C ALA A 224 8.68 23.68 12.25
N SER A 225 9.45 24.74 12.45
CA SER A 225 8.82 26.05 12.42
C SER A 225 8.54 26.48 10.98
N LYS A 226 7.57 27.41 10.83
CA LYS A 226 7.25 27.93 9.52
C LYS A 226 8.48 28.54 8.84
N GLU A 227 9.31 29.24 9.61
CA GLU A 227 10.53 29.83 9.07
C GLU A 227 11.44 28.77 8.47
N THR A 228 11.68 27.66 9.18
CA THR A 228 12.57 26.62 8.63
C THR A 228 11.91 25.85 7.51
N MET A 229 10.59 25.62 7.61
CA MET A 229 9.90 24.97 6.50
C MET A 229 9.96 25.82 5.24
N LEU A 230 9.72 27.12 5.36
CA LEU A 230 9.81 27.97 4.18
C LEU A 230 11.22 27.91 3.60
N ARG A 231 12.25 27.95 4.44
CA ARG A 231 13.61 27.91 3.94
C ARG A 231 13.89 26.59 3.19
N ASP A 232 13.36 25.47 3.68
CA ASP A 232 13.59 24.20 2.99
C ASP A 232 12.91 24.18 1.62
N ILE A 233 11.70 24.73 1.53
CA ILE A 233 10.96 24.75 0.27
C ILE A 233 11.63 25.68 -0.73
N LEU A 234 12.00 26.88 -0.28
CA LEU A 234 12.67 27.82 -1.15
C LEU A 234 14.02 27.27 -1.62
N GLU A 235 14.75 26.59 -0.73
CA GLU A 235 16.02 26.04 -1.16
C GLU A 235 15.81 24.91 -2.18
N MET A 236 14.79 24.07 -2.00
CA MET A 236 14.45 23.08 -3.04
C MET A 236 14.20 23.76 -4.38
N GLN A 237 13.33 24.79 -4.38
CA GLN A 237 13.00 25.52 -5.61
C GLN A 237 14.26 26.08 -6.25
N ARG A 238 15.07 26.80 -5.45
CA ARG A 238 16.28 27.43 -5.98
C ARG A 238 17.26 26.40 -6.52
N ALA A 239 17.51 25.36 -5.73
CA ALA A 239 18.51 24.37 -6.11
C ALA A 239 18.10 23.60 -7.35
N ALA A 240 16.82 23.22 -7.43
CA ALA A 240 16.35 22.44 -8.57
C ALA A 240 16.33 23.31 -9.83
N LYS A 241 15.91 24.57 -9.68
CA LYS A 241 15.94 25.48 -10.82
C LYS A 241 17.36 25.66 -11.35
N ALA A 242 18.37 25.46 -10.51
CA ALA A 242 19.77 25.59 -10.91
C ALA A 242 20.33 24.29 -11.42
N GLY A 243 19.51 23.26 -11.56
CA GLY A 243 19.90 22.05 -12.22
C GLY A 243 20.21 20.88 -11.32
N LYS A 244 19.96 20.99 -10.02
CA LYS A 244 20.26 19.91 -9.09
C LYS A 244 19.03 19.05 -8.82
N ILE A 245 19.27 17.86 -8.33
CA ILE A 245 18.26 16.95 -7.80
C ILE A 245 18.04 17.30 -6.34
N VAL A 246 16.78 17.29 -5.91
CA VAL A 246 16.43 17.50 -4.52
C VAL A 246 15.45 16.42 -4.11
N VAL A 247 15.74 15.74 -3.01
CA VAL A 247 14.86 14.73 -2.41
C VAL A 247 14.35 15.30 -1.11
N LEU A 248 13.04 15.49 -1.01
CA LEU A 248 12.40 16.01 0.20
C LEU A 248 11.80 14.84 0.98
N LYS A 249 12.30 14.63 2.19
CA LYS A 249 11.89 13.52 3.02
C LYS A 249 10.75 13.98 3.93
N GLY A 250 9.50 13.65 3.54
CA GLY A 250 8.35 13.91 4.40
C GLY A 250 8.18 12.81 5.44
N TRP A 251 7.57 13.19 6.57
CA TRP A 251 7.33 12.28 7.69
C TRP A 251 5.83 12.16 7.94
N ALA A 252 5.37 10.96 8.24
CA ALA A 252 3.94 10.67 8.18
C ALA A 252 3.24 10.99 9.50
N GLY A 253 3.45 12.21 10.02
CA GLY A 253 2.91 12.61 11.31
C GLY A 253 3.71 12.23 12.53
N PHE A 254 4.73 11.37 12.36
CA PHE A 254 5.63 10.99 13.45
C PHE A 254 6.90 10.43 12.82
N THR A 255 7.92 10.20 13.65
CA THR A 255 9.17 9.60 13.19
C THR A 255 9.56 8.40 14.06
N PHE A 256 10.52 7.62 13.56
CA PHE A 256 11.00 6.44 14.25
C PHE A 256 11.72 6.78 15.54
N ILE A 257 12.08 8.04 15.77
CA ILE A 257 12.69 8.43 17.05
C ILE A 257 11.67 8.79 18.11
N ASP A 258 10.37 8.84 17.76
CA ASP A 258 9.30 9.12 18.73
C ASP A 258 8.83 7.81 19.33
N ASP A 259 9.28 7.51 20.56
CA ASP A 259 9.04 6.21 21.16
C ASP A 259 7.55 5.94 21.36
N GLN A 260 6.80 6.94 21.83
CA GLN A 260 5.36 6.75 22.03
C GLN A 260 4.65 6.50 20.69
N ALA A 261 4.93 7.31 19.68
CA ALA A 261 4.28 7.12 18.38
C ALA A 261 4.58 5.74 17.80
N MET A 262 5.83 5.28 17.98
CA MET A 262 6.26 3.99 17.44
C MET A 262 5.65 2.83 18.21
N ARG A 263 5.21 3.05 19.45
CA ARG A 263 4.53 2.01 20.22
C ARG A 263 3.09 1.79 19.76
N LYS A 264 2.54 2.71 18.98
CA LYS A 264 1.14 2.62 18.58
C LYS A 264 0.94 1.48 17.58
N PRO A 265 -0.22 0.82 17.66
CA PRO A 265 -0.51 -0.26 16.72
C PRO A 265 -0.54 0.21 15.27
N LEU A 266 -0.28 -0.74 14.36
CA LEU A 266 -0.12 -0.39 12.95
C LEU A 266 -1.35 0.30 12.40
N THR A 267 -2.53 -0.09 12.85
CA THR A 267 -3.75 0.57 12.36
C THR A 267 -3.73 2.05 12.73
N GLN A 268 -3.24 2.37 13.94
CA GLN A 268 -3.21 3.77 14.37
C GLN A 268 -2.13 4.53 13.61
N LYS A 269 -0.98 3.90 13.38
CA LYS A 269 0.05 4.52 12.55
C LYS A 269 -0.50 4.86 11.16
N ARG A 270 -1.26 3.95 10.55
CA ARG A 270 -1.83 4.22 9.22
C ARG A 270 -2.88 5.34 9.27
N ARG A 271 -3.69 5.40 10.33
CA ARG A 271 -4.63 6.51 10.40
C ARG A 271 -3.87 7.83 10.44
N VAL A 272 -2.80 7.86 11.23
CA VAL A 272 -2.01 9.07 11.36
C VAL A 272 -1.32 9.40 10.05
N ALA A 273 -0.79 8.36 9.37
CA ALA A 273 -0.07 8.63 8.12
C ALA A 273 -1.02 9.13 7.04
N LYS A 274 -2.26 8.62 7.01
CA LYS A 274 -3.23 9.12 6.04
C LYS A 274 -3.62 10.56 6.35
N ASP A 275 -3.97 10.84 7.60
CA ASP A 275 -4.32 12.21 7.99
C ASP A 275 -3.16 13.20 7.79
N SER A 276 -1.92 12.75 7.83
CA SER A 276 -0.77 13.64 7.87
C SER A 276 -0.14 13.86 6.48
N LEU A 277 -0.69 13.26 5.41
CA LEU A 277 0.01 13.31 4.13
C LEU A 277 -0.18 14.67 3.46
N LYS A 278 -1.38 15.22 3.54
CA LYS A 278 -1.75 16.36 2.72
C LYS A 278 -0.79 17.53 2.91
N PHE A 279 -0.36 17.79 4.15
CA PHE A 279 0.42 19.00 4.39
C PHE A 279 1.81 18.90 3.78
N PRO A 280 2.62 17.89 4.12
CA PRO A 280 3.94 17.81 3.49
C PRO A 280 3.85 17.61 1.97
N LEU A 281 2.83 16.89 1.50
CA LEU A 281 2.68 16.75 0.05
C LEU A 281 2.39 18.09 -0.61
N ALA A 282 1.54 18.91 0.00
CA ALA A 282 1.25 20.24 -0.56
C ALA A 282 2.49 21.13 -0.50
N CYS A 283 3.27 21.06 0.59
CA CYS A 283 4.51 21.82 0.66
C CYS A 283 5.46 21.40 -0.47
N PHE A 284 5.64 20.09 -0.66
CA PHE A 284 6.52 19.62 -1.72
C PHE A 284 6.07 20.12 -3.09
N LEU A 285 4.79 19.95 -3.42
CA LEU A 285 4.30 20.37 -4.72
C LEU A 285 4.29 21.88 -4.89
N ALA A 286 4.22 22.63 -3.80
CA ALA A 286 4.24 24.08 -3.95
C ALA A 286 5.57 24.54 -4.55
N GLY A 287 6.68 23.96 -4.09
CA GLY A 287 8.01 24.38 -4.49
C GLY A 287 8.71 23.50 -5.51
N ALA A 288 8.12 22.34 -5.82
CA ALA A 288 8.79 21.34 -6.65
C ALA A 288 9.09 21.82 -8.06
N GLN A 289 10.25 21.40 -8.57
CA GLN A 289 10.67 21.65 -9.96
C GLN A 289 11.06 20.31 -10.57
N GLU A 290 11.53 20.33 -11.82
CA GLU A 290 12.12 19.12 -12.37
C GLU A 290 13.18 18.55 -11.42
N ASN A 291 13.24 17.21 -11.34
CA ASN A 291 14.28 16.51 -10.59
C ASN A 291 14.09 16.62 -9.09
N CYS A 292 12.88 16.94 -8.65
CA CYS A 292 12.56 16.91 -7.21
C CYS A 292 11.74 15.68 -6.90
N TYR A 293 12.06 15.01 -5.81
CA TYR A 293 11.39 13.77 -5.43
C TYR A 293 10.85 13.90 -4.01
N PHE A 294 9.71 13.25 -3.79
CA PHE A 294 9.06 13.16 -2.49
C PHE A 294 9.22 11.76 -1.92
N ILE A 295 9.46 11.70 -0.60
CA ILE A 295 9.42 10.46 0.18
C ILE A 295 8.48 10.73 1.35
N TYR A 296 7.68 9.71 1.70
CA TYR A 296 6.69 9.88 2.77
C TYR A 296 6.51 8.57 3.55
N ASN A 297 6.92 8.58 4.82
CA ASN A 297 6.85 7.41 5.69
C ASN A 297 7.41 7.83 7.06
N TRP A 298 7.76 6.87 7.93
CA TRP A 298 8.19 7.22 9.28
C TRP A 298 9.53 6.60 9.68
N GLY A 299 10.31 6.12 8.71
CA GLY A 299 11.64 5.59 9.00
C GLY A 299 12.30 4.99 7.77
N TYR A 300 13.44 4.35 8.01
CA TYR A 300 14.30 3.83 6.96
C TYR A 300 14.38 2.31 6.89
N ARG A 301 13.71 1.57 7.78
CA ARG A 301 13.52 0.15 7.58
C ARG A 301 12.26 -0.05 6.72
N MET A 302 12.25 -1.13 5.92
CA MET A 302 11.14 -1.35 4.99
C MET A 302 9.79 -1.20 5.70
N GLU A 303 9.67 -1.80 6.88
CA GLU A 303 8.43 -1.83 7.65
C GLU A 303 8.03 -0.48 8.23
N ASN A 304 8.91 0.53 8.18
CA ASN A 304 8.54 1.85 8.69
C ASN A 304 7.72 2.66 7.68
N GLY A 305 6.71 2.02 7.09
CA GLY A 305 5.80 2.66 6.16
C GLY A 305 6.34 2.88 4.77
N CYS A 306 7.48 2.31 4.44
CA CYS A 306 8.18 2.65 3.21
C CYS A 306 7.55 2.03 1.96
N LEU A 307 6.79 0.95 2.08
CA LEU A 307 6.06 0.38 0.96
C LEU A 307 4.57 0.70 1.02
N GLU A 308 4.15 1.62 1.88
CA GLU A 308 2.78 2.10 1.83
C GLU A 308 2.58 2.91 0.54
N TRP A 309 1.36 2.92 0.06
CA TRP A 309 0.99 3.73 -1.09
C TRP A 309 -0.30 4.47 -0.76
N TYR A 310 -0.51 5.59 -1.43
CA TYR A 310 -1.59 6.51 -1.21
C TYR A 310 -2.22 6.92 -2.55
N PRO A 311 -3.54 7.01 -2.64
CA PRO A 311 -4.13 7.33 -3.95
C PRO A 311 -3.62 8.66 -4.51
N GLU A 312 -3.13 9.54 -3.65
CA GLU A 312 -2.59 10.82 -4.12
C GLU A 312 -1.42 10.60 -5.05
N PHE A 313 -0.71 9.49 -4.88
CA PHE A 313 0.49 9.18 -5.66
C PHE A 313 0.15 8.60 -7.04
N ASP A 314 -1.11 8.24 -7.30
CA ASP A 314 -1.57 7.77 -8.61
C ASP A 314 -2.35 8.83 -9.39
N LYS A 315 -2.69 9.96 -8.75
CA LYS A 315 -3.59 10.94 -9.39
C LYS A 315 -2.80 11.70 -10.45
N PRO A 316 -3.45 12.09 -11.55
CA PRO A 316 -2.73 12.88 -12.55
C PRO A 316 -2.25 14.18 -11.93
N LEU A 317 -1.03 14.54 -12.29
CA LEU A 317 -0.42 15.80 -11.82
C LEU A 317 -0.19 16.69 -12.99
N GLY A 318 0.69 16.32 -13.93
CA GLY A 318 0.98 17.10 -15.11
C GLY A 318 2.00 18.17 -14.77
N LYS A 319 2.52 18.80 -15.80
CA LYS A 319 3.53 19.83 -15.67
C LYS A 319 2.98 21.02 -14.86
N PRO A 320 3.84 21.68 -14.10
CA PRO A 320 3.45 22.98 -13.51
C PRO A 320 3.14 23.99 -14.60
N VAL A 321 1.99 24.68 -14.46
CA VAL A 321 1.59 25.71 -15.41
C VAL A 321 1.94 27.10 -14.92
N GLY A 322 2.42 27.25 -13.68
CA GLY A 322 2.79 28.54 -13.14
C GLY A 322 3.80 28.35 -12.04
N GLU A 323 4.52 29.42 -11.72
CA GLU A 323 5.51 29.40 -10.67
C GLU A 323 4.82 29.43 -9.32
N MET A 324 5.54 28.94 -8.31
CA MET A 324 5.07 29.09 -6.94
C MET A 324 4.81 30.55 -6.64
N VAL A 325 3.70 30.80 -5.96
CA VAL A 325 3.32 32.13 -5.54
C VAL A 325 3.28 32.14 -4.03
N ARG A 326 3.85 33.19 -3.42
CA ARG A 326 3.92 33.26 -1.96
C ARG A 326 3.28 34.55 -1.49
N ASP A 327 2.43 34.44 -0.47
CA ASP A 327 1.88 35.60 0.22
C ASP A 327 2.00 35.35 1.71
N GLY A 328 3.01 35.94 2.35
CA GLY A 328 3.21 35.68 3.76
C GLY A 328 3.64 34.24 3.92
N TRP A 329 2.93 33.50 4.76
CA TRP A 329 3.25 32.09 5.02
C TRP A 329 2.49 31.15 4.09
N LYS A 330 1.71 31.68 3.15
CA LYS A 330 0.86 30.89 2.27
C LYS A 330 1.48 30.78 0.88
N LEU A 331 1.41 29.58 0.33
CA LEU A 331 2.01 29.22 -0.94
C LEU A 331 0.96 28.53 -1.82
N SER A 332 1.09 28.69 -3.13
CA SER A 332 0.18 28.01 -4.04
C SER A 332 0.87 27.74 -5.38
N ARG A 333 0.41 26.71 -6.04
CA ARG A 333 1.04 26.28 -7.29
C ARG A 333 -0.02 25.68 -8.19
N GLU A 334 0.04 26.01 -9.46
CA GLU A 334 -0.84 25.43 -10.45
C GLU A 334 -0.11 24.39 -11.29
N TYR A 335 -0.67 23.18 -11.35
CA TYR A 335 -0.24 22.15 -12.27
C TYR A 335 -1.30 21.93 -13.34
N LYS A 336 -0.93 21.20 -14.39
CA LYS A 336 -1.89 21.01 -15.48
C LYS A 336 -3.18 20.39 -14.97
N HIS A 337 -3.09 19.44 -14.03
CA HIS A 337 -4.23 18.67 -13.56
C HIS A 337 -4.49 18.79 -12.06
N ALA A 338 -3.88 19.76 -11.38
CA ALA A 338 -4.05 19.92 -9.94
C ALA A 338 -3.66 21.33 -9.54
N SER A 339 -4.33 21.84 -8.49
CA SER A 339 -4.00 23.10 -7.83
C SER A 339 -3.60 22.85 -6.37
N VAL A 340 -2.55 23.54 -5.90
CA VAL A 340 -2.03 23.34 -4.54
C VAL A 340 -2.10 24.65 -3.77
N ARG A 341 -2.47 24.56 -2.49
CA ARG A 341 -2.41 25.67 -1.56
C ARG A 341 -2.01 25.16 -0.19
N VAL A 342 -1.14 25.91 0.48
CA VAL A 342 -0.69 25.50 1.81
C VAL A 342 -0.29 26.73 2.60
N ASP A 343 -0.61 26.71 3.88
CA ASP A 343 -0.30 27.80 4.81
C ASP A 343 0.67 27.24 5.84
N LEU A 344 1.93 27.70 5.79
CA LEU A 344 2.96 27.16 6.66
C LEU A 344 2.69 27.48 8.13
N GLU A 345 1.96 28.56 8.41
CA GLU A 345 1.71 28.96 9.79
C GLU A 345 0.63 28.10 10.43
N SER A 346 -0.52 27.98 9.78
CA SER A 346 -1.62 27.23 10.37
C SER A 346 -1.52 25.75 10.12
N LYS A 347 -0.61 25.34 9.23
CA LYS A 347 -0.50 23.97 8.73
C LYS A 347 -1.70 23.58 7.89
N GLU A 348 -2.52 24.54 7.47
CA GLU A 348 -3.65 24.23 6.59
C GLU A 348 -3.18 24.02 5.16
N ALA A 349 -3.80 23.07 4.48
CA ALA A 349 -3.38 22.72 3.14
C ALA A 349 -4.59 22.23 2.35
N GLU A 350 -4.48 22.35 1.04
CA GLU A 350 -5.55 22.00 0.13
C GLU A 350 -4.92 21.51 -1.16
N ILE A 351 -5.39 20.38 -1.68
CA ILE A 351 -4.94 19.92 -2.98
C ILE A 351 -6.18 19.58 -3.80
N ARG A 352 -6.39 20.32 -4.89
CA ARG A 352 -7.58 20.17 -5.71
C ARG A 352 -7.15 19.43 -6.97
N TRP A 353 -7.62 18.20 -7.12
CA TRP A 353 -7.31 17.37 -8.27
C TRP A 353 -8.36 17.56 -9.34
N ARG A 354 -7.93 17.47 -10.60
CA ARG A 354 -8.87 17.44 -11.74
C ARG A 354 -10.07 16.53 -11.50
N HIS B 1 -12.14 -2.29 13.90
CA HIS B 1 -13.54 -2.64 13.67
C HIS B 1 -13.68 -3.84 12.74
N TYR B 2 -12.55 -4.44 12.38
CA TYR B 2 -12.53 -5.61 11.52
C TYR B 2 -13.09 -6.83 12.27
N PRO B 3 -13.58 -7.86 11.57
CA PRO B 3 -13.88 -9.13 12.24
C PRO B 3 -12.63 -9.72 12.89
N GLU B 4 -12.81 -10.41 14.02
CA GLU B 4 -11.64 -11.01 14.67
C GLU B 4 -11.05 -12.13 13.82
N PHE B 5 -9.76 -12.04 13.55
CA PHE B 5 -9.12 -12.90 12.55
C PHE B 5 -8.15 -13.87 13.23
N SER B 6 -8.10 -15.10 12.73
CA SER B 6 -7.26 -16.12 13.34
C SER B 6 -6.65 -16.99 12.24
N TRP B 7 -5.45 -17.49 12.50
CA TRP B 7 -4.79 -18.45 11.63
C TRP B 7 -4.93 -19.90 12.13
N ASP B 8 -5.72 -20.14 13.17
CA ASP B 8 -5.78 -21.50 13.74
C ASP B 8 -6.18 -22.51 12.67
N THR B 9 -7.09 -22.13 11.81
CA THR B 9 -7.61 -22.94 10.71
C THR B 9 -7.80 -21.97 9.54
N VAL B 10 -8.14 -22.52 8.38
CA VAL B 10 -8.41 -21.69 7.20
C VAL B 10 -9.42 -20.62 7.59
N PRO B 11 -9.12 -19.32 7.41
CA PRO B 11 -10.13 -18.29 7.70
C PRO B 11 -11.27 -18.32 6.67
N ILE B 12 -12.50 -18.43 7.18
CA ILE B 12 -13.68 -18.68 6.37
C ILE B 12 -14.68 -17.55 6.59
N ALA B 13 -15.32 -17.10 5.52
CA ALA B 13 -16.47 -16.21 5.58
C ALA B 13 -17.69 -16.85 4.89
N PHE B 14 -18.87 -16.28 5.16
CA PHE B 14 -20.10 -16.72 4.50
C PHE B 14 -20.73 -15.59 3.71
N HIS B 15 -21.43 -15.94 2.63
CA HIS B 15 -22.11 -14.96 1.77
C HIS B 15 -23.26 -15.69 1.07
N PHE B 16 -24.45 -15.61 1.67
CA PHE B 16 -25.59 -16.30 1.10
C PHE B 16 -26.90 -15.73 1.63
N GLY B 17 -28.00 -16.20 1.03
CA GLY B 17 -29.32 -15.91 1.55
C GLY B 17 -30.17 -17.16 1.59
N LYS B 18 -31.17 -17.12 2.50
CA LYS B 18 -32.18 -18.16 2.65
C LYS B 18 -33.55 -17.49 2.59
N SER B 19 -34.15 -17.44 1.40
N SER B 19 -34.15 -17.46 1.40
CA SER B 19 -35.38 -16.68 1.22
CA SER B 19 -35.38 -16.71 1.19
C SER B 19 -36.59 -17.31 1.91
C SER B 19 -36.58 -17.31 1.93
N GLN B 20 -36.56 -18.63 2.16
CA GLN B 20 -37.71 -19.28 2.79
C GLN B 20 -37.89 -18.95 4.27
N GLY B 21 -36.91 -18.36 4.93
CA GLY B 21 -37.04 -18.09 6.34
C GLY B 21 -35.68 -17.91 6.97
N LEU B 22 -35.68 -17.64 8.28
CA LEU B 22 -34.43 -17.50 9.00
C LEU B 22 -33.69 -18.82 9.09
N LEU B 23 -32.40 -18.74 9.38
CA LEU B 23 -31.67 -19.96 9.67
C LEU B 23 -32.33 -20.68 10.85
N THR B 24 -32.40 -22.01 10.76
CA THR B 24 -32.83 -22.84 11.87
C THR B 24 -31.79 -22.79 12.99
N LYS B 25 -32.17 -23.32 14.16
CA LYS B 25 -31.20 -23.45 15.26
C LYS B 25 -29.90 -24.08 14.75
N GLU B 26 -30.02 -25.26 14.11
CA GLU B 26 -28.82 -25.99 13.66
C GLU B 26 -28.04 -25.17 12.63
N GLU B 27 -28.75 -24.56 11.68
CA GLU B 27 -28.08 -23.78 10.65
C GLU B 27 -27.42 -22.55 11.25
N ALA B 28 -28.09 -21.90 12.18
CA ALA B 28 -27.53 -20.70 12.81
C ALA B 28 -26.25 -21.05 13.58
N GLU B 29 -26.31 -22.12 14.35
CA GLU B 29 -25.15 -22.54 15.12
C GLU B 29 -24.03 -23.00 14.21
N PHE B 30 -24.36 -23.69 13.11
CA PHE B 30 -23.32 -24.08 12.16
C PHE B 30 -22.52 -22.86 11.73
N VAL B 31 -23.20 -21.84 11.22
CA VAL B 31 -22.50 -20.66 10.73
C VAL B 31 -21.79 -19.92 11.85
N ALA B 32 -22.45 -19.78 13.03
CA ALA B 32 -21.93 -18.89 14.08
C ALA B 32 -20.66 -19.44 14.73
N THR B 33 -20.55 -20.76 14.84
CA THR B 33 -19.36 -21.35 15.43
C THR B 33 -18.22 -21.51 14.43
N ARG B 34 -18.42 -21.19 13.17
CA ARG B 34 -17.37 -21.40 12.17
C ARG B 34 -16.87 -20.11 11.50
N SER B 35 -17.39 -18.96 11.86
CA SER B 35 -16.91 -17.77 11.20
C SER B 35 -17.33 -16.55 11.99
N ASN B 36 -16.53 -15.50 11.88
CA ASN B 36 -16.89 -14.20 12.44
C ASN B 36 -17.37 -13.20 11.38
N PHE B 37 -17.70 -13.65 10.18
CA PHE B 37 -17.87 -12.73 9.05
C PHE B 37 -18.91 -13.28 8.09
N ILE B 38 -20.07 -12.64 8.02
CA ILE B 38 -21.12 -13.07 7.10
C ILE B 38 -21.82 -11.87 6.47
N CYS B 39 -22.06 -11.97 5.16
CA CYS B 39 -22.99 -11.11 4.43
C CYS B 39 -24.28 -11.88 4.13
N LEU B 40 -25.42 -11.30 4.49
CA LEU B 40 -26.71 -11.94 4.21
C LEU B 40 -27.31 -11.32 2.95
N GLU B 41 -27.75 -12.17 2.04
CA GLU B 41 -28.06 -11.75 0.69
C GLU B 41 -29.47 -11.18 0.59
N LYS B 42 -29.72 -10.54 -0.55
CA LYS B 42 -31.06 -10.11 -0.92
C LYS B 42 -32.05 -11.27 -0.80
N GLY B 43 -33.25 -10.96 -0.30
CA GLY B 43 -34.27 -11.96 -0.12
C GLY B 43 -34.23 -12.73 1.19
N HIS B 44 -33.21 -12.55 2.02
CA HIS B 44 -33.06 -13.45 3.16
C HIS B 44 -34.27 -13.37 4.11
N ALA B 45 -34.92 -14.51 4.33
CA ALA B 45 -36.05 -14.66 5.24
C ALA B 45 -37.28 -13.84 4.81
N THR B 46 -37.39 -13.49 3.53
CA THR B 46 -38.52 -12.67 3.12
C THR B 46 -39.85 -13.42 3.25
N ARG B 47 -39.84 -14.75 3.10
CA ARG B 47 -41.10 -15.48 3.12
C ARG B 47 -41.82 -15.26 4.43
N THR B 48 -41.07 -15.28 5.55
CA THR B 48 -41.63 -15.12 6.87
C THR B 48 -41.50 -13.71 7.42
N HIS B 49 -40.55 -12.90 6.93
CA HIS B 49 -40.35 -11.56 7.46
C HIS B 49 -40.64 -10.45 6.45
N GLY B 50 -41.15 -10.79 5.27
CA GLY B 50 -41.59 -9.75 4.38
C GLY B 50 -40.60 -8.99 3.55
N THR B 51 -39.53 -8.49 4.16
CA THR B 51 -38.52 -7.70 3.45
C THR B 51 -37.10 -8.17 3.81
N THR B 52 -36.14 -7.88 2.91
CA THR B 52 -34.76 -8.25 3.21
C THR B 52 -34.26 -7.50 4.44
N GLU B 53 -34.66 -6.24 4.63
CA GLU B 53 -34.21 -5.48 5.79
C GLU B 53 -34.67 -6.14 7.10
N ALA B 54 -35.95 -6.51 7.18
CA ALA B 54 -36.45 -7.14 8.39
C ALA B 54 -35.88 -8.55 8.57
N GLY B 55 -35.75 -9.31 7.47
CA GLY B 55 -35.12 -10.64 7.57
C GLY B 55 -33.66 -10.62 7.99
N ILE B 56 -32.89 -9.68 7.44
CA ILE B 56 -31.47 -9.60 7.81
C ILE B 56 -31.32 -9.11 9.27
N GLU B 57 -32.16 -8.17 9.69
CA GLU B 57 -32.10 -7.66 11.06
C GLU B 57 -32.37 -8.78 12.06
N ALA B 58 -33.45 -9.55 11.84
CA ALA B 58 -33.76 -10.68 12.73
C ALA B 58 -32.65 -11.73 12.72
N GLU B 59 -32.07 -11.98 11.54
CA GLU B 59 -30.97 -12.94 11.48
C GLU B 59 -29.73 -12.39 12.20
N ALA B 60 -29.42 -11.11 12.01
CA ALA B 60 -28.23 -10.54 12.64
C ALA B 60 -28.30 -10.69 14.17
N ARG B 61 -29.49 -10.49 14.74
CA ARG B 61 -29.65 -10.63 16.18
C ARG B 61 -29.48 -12.08 16.62
N GLN B 62 -30.02 -13.02 15.85
CA GLN B 62 -29.90 -14.44 16.18
C GLN B 62 -28.45 -14.90 16.15
N LEU B 63 -27.71 -14.52 15.10
CA LEU B 63 -26.33 -14.99 14.96
C LEU B 63 -25.44 -14.34 16.02
N LYS B 64 -25.63 -13.05 16.27
CA LYS B 64 -24.80 -12.38 17.27
C LYS B 64 -25.10 -12.85 18.68
N ASN B 65 -26.33 -13.28 18.95
CA ASN B 65 -26.61 -13.89 20.26
C ASN B 65 -25.83 -15.17 20.42
N LEU B 66 -25.60 -15.89 19.31
CA LEU B 66 -24.79 -17.11 19.34
C LEU B 66 -23.29 -16.83 19.30
N ASN B 67 -22.84 -15.87 18.49
CA ASN B 67 -21.43 -15.48 18.41
C ASN B 67 -21.31 -13.95 18.43
N PRO B 68 -21.04 -13.35 19.59
CA PRO B 68 -21.05 -11.87 19.67
C PRO B 68 -19.91 -11.22 18.87
N LYS B 69 -18.93 -11.97 18.43
CA LYS B 69 -17.89 -11.48 17.55
C LYS B 69 -18.34 -11.45 16.08
N MET B 70 -19.50 -11.99 15.78
CA MET B 70 -19.98 -12.09 14.39
C MET B 70 -20.17 -10.69 13.80
N LYS B 71 -19.49 -10.41 12.71
CA LYS B 71 -19.78 -9.25 11.90
C LYS B 71 -20.76 -9.63 10.80
N VAL B 72 -21.94 -9.01 10.82
CA VAL B 72 -23.03 -9.30 9.89
C VAL B 72 -23.16 -8.13 8.92
N ILE B 73 -23.05 -8.41 7.63
CA ILE B 73 -23.02 -7.39 6.58
C ILE B 73 -24.36 -7.40 5.84
N PHE B 74 -24.94 -6.19 5.67
CA PHE B 74 -26.21 -5.96 4.99
C PHE B 74 -25.97 -5.81 3.48
N TYR B 75 -26.65 -6.63 2.68
CA TYR B 75 -26.50 -6.54 1.23
C TYR B 75 -27.35 -5.38 0.70
N TRP B 76 -26.71 -4.42 0.03
CA TRP B 76 -27.40 -3.25 -0.51
C TRP B 76 -26.75 -2.93 -1.86
N ASN B 77 -27.46 -3.27 -2.95
CA ASN B 77 -26.89 -3.15 -4.28
C ASN B 77 -26.68 -1.68 -4.63
N THR B 78 -25.47 -1.34 -5.05
CA THR B 78 -25.13 0.04 -5.35
C THR B 78 -25.80 0.56 -6.60
N PHE B 79 -26.33 -0.33 -7.47
CA PHE B 79 -26.72 0.02 -8.84
C PHE B 79 -28.11 -0.45 -9.24
N LEU B 80 -28.68 -1.46 -8.56
CA LEU B 80 -29.85 -2.17 -9.05
C LEU B 80 -31.00 -2.15 -8.05
N ASP B 81 -32.19 -1.89 -8.59
CA ASP B 81 -33.44 -1.70 -7.82
C ASP B 81 -34.15 -3.04 -7.64
N TYR B 82 -33.72 -3.77 -6.64
CA TYR B 82 -34.30 -5.07 -6.34
C TYR B 82 -35.61 -4.92 -5.55
N SER B 83 -36.56 -5.79 -5.88
CA SER B 83 -37.91 -5.63 -5.37
C SER B 83 -38.14 -6.22 -3.97
N MET B 84 -37.28 -7.11 -3.46
CA MET B 84 -37.58 -7.75 -2.20
C MET B 84 -37.02 -6.96 -1.00
N PHE B 85 -36.96 -5.65 -1.12
CA PHE B 85 -36.61 -4.72 -0.07
C PHE B 85 -37.78 -3.76 0.14
N ALA B 86 -37.99 -3.37 1.41
CA ALA B 86 -38.96 -2.31 1.69
C ALA B 86 -38.55 -1.02 1.00
N ALA B 87 -37.24 -0.78 0.90
CA ALA B 87 -36.72 0.42 0.25
C ALA B 87 -37.15 0.53 -1.22
N HIS B 88 -37.51 -0.59 -1.85
CA HIS B 88 -37.97 -0.57 -3.23
C HIS B 88 -39.21 0.32 -3.40
N LYS B 89 -40.16 0.27 -2.45
CA LYS B 89 -41.34 1.10 -2.63
C LYS B 89 -41.02 2.59 -2.43
N GLU B 90 -39.99 2.92 -1.67
CA GLU B 90 -39.59 4.32 -1.55
C GLU B 90 -38.93 4.80 -2.85
N TYR B 91 -38.03 3.99 -3.43
CA TYR B 91 -37.48 4.34 -4.74
C TYR B 91 -38.61 4.58 -5.73
N ALA B 92 -39.66 3.76 -5.65
CA ALA B 92 -40.79 3.87 -6.57
C ALA B 92 -41.51 5.21 -6.44
N LYS B 93 -41.46 5.85 -5.28
CA LYS B 93 -42.18 7.09 -5.05
C LYS B 93 -41.46 8.33 -5.55
N HIS B 94 -40.23 8.20 -6.05
CA HIS B 94 -39.46 9.38 -6.47
C HIS B 94 -39.19 9.37 -7.98
N LEU B 99 -33.28 7.17 -13.87
CA LEU B 99 -32.19 7.28 -14.84
C LEU B 99 -32.68 6.97 -16.25
N ARG B 100 -32.53 7.91 -17.16
CA ARG B 100 -32.99 7.69 -18.52
C ARG B 100 -31.81 7.32 -19.41
N THR B 101 -32.06 6.42 -20.37
CA THR B 101 -31.18 6.17 -21.49
C THR B 101 -31.43 7.19 -22.59
N THR B 102 -30.61 7.12 -23.65
CA THR B 102 -30.66 8.13 -24.71
C THR B 102 -31.91 8.00 -25.57
N THR B 103 -32.38 6.76 -25.79
CA THR B 103 -33.61 6.50 -26.55
C THR B 103 -34.87 6.65 -25.72
N GLY B 104 -34.74 6.96 -24.42
CA GLY B 104 -35.87 7.17 -23.55
C GLY B 104 -36.42 5.91 -22.91
N GLU B 105 -36.11 4.74 -23.48
CA GLU B 105 -36.49 3.49 -22.84
C GLU B 105 -35.97 3.51 -21.40
N LEU B 106 -36.78 2.97 -20.47
CA LEU B 106 -36.30 2.82 -19.10
C LEU B 106 -35.10 1.91 -19.09
N ASP B 107 -34.04 2.32 -18.40
CA ASP B 107 -32.83 1.48 -18.26
C ASP B 107 -33.07 0.34 -17.28
N ARG B 108 -33.27 -0.87 -17.80
CA ARG B 108 -33.65 -2.03 -17.00
C ARG B 108 -32.78 -3.20 -17.42
N LYS B 109 -32.01 -3.74 -16.47
CA LYS B 109 -31.17 -4.90 -16.76
C LYS B 109 -32.06 -6.10 -17.05
N LYS B 110 -31.78 -6.77 -18.17
CA LYS B 110 -32.61 -7.89 -18.64
C LYS B 110 -34.09 -7.53 -18.63
N GLY B 111 -34.39 -6.26 -18.95
CA GLY B 111 -35.75 -5.77 -19.01
C GLY B 111 -36.48 -5.65 -17.69
N GLN B 112 -35.96 -6.23 -16.62
CA GLN B 112 -36.68 -6.36 -15.35
C GLN B 112 -36.27 -5.31 -14.32
N LEU B 113 -34.98 -5.20 -14.02
CA LEU B 113 -34.50 -4.46 -12.85
C LEU B 113 -33.97 -3.08 -13.26
N MET B 114 -34.57 -2.03 -12.70
CA MET B 114 -34.08 -0.68 -12.95
C MET B 114 -32.65 -0.49 -12.45
N ARG B 115 -31.95 0.44 -13.08
CA ARG B 115 -30.57 0.78 -12.70
C ARG B 115 -30.49 2.22 -12.21
N TYR B 116 -29.67 2.44 -11.18
CA TYR B 116 -29.68 3.68 -10.42
C TYR B 116 -28.82 4.78 -11.07
N ASP B 117 -29.25 6.04 -10.88
CA ASP B 117 -28.50 7.20 -11.35
C ASP B 117 -27.61 7.75 -10.24
N LEU B 118 -26.34 7.31 -10.21
CA LEU B 118 -25.44 7.72 -9.14
C LEU B 118 -25.10 9.21 -9.19
N SER B 119 -25.29 9.86 -10.32
CA SER B 119 -25.09 11.31 -10.39
C SER B 119 -26.08 12.09 -9.54
N ASN B 120 -27.30 11.56 -9.37
CA ASN B 120 -28.35 12.31 -8.69
C ASN B 120 -28.14 12.24 -7.17
N ALA B 121 -27.89 13.41 -6.57
CA ALA B 121 -27.59 13.47 -5.16
C ALA B 121 -28.79 13.17 -4.27
N GLU B 122 -30.01 13.43 -4.74
CA GLU B 122 -31.20 13.06 -3.98
C GLU B 122 -31.26 11.53 -3.79
N PHE B 123 -31.11 10.81 -4.89
CA PHE B 123 -30.99 9.35 -4.80
C PHE B 123 -29.89 8.92 -3.84
N ARG B 124 -28.71 9.54 -3.93
CA ARG B 124 -27.57 9.08 -3.13
C ARG B 124 -27.85 9.23 -1.64
N ASN B 125 -28.44 10.36 -1.25
CA ASN B 125 -28.77 10.58 0.14
C ASN B 125 -29.78 9.56 0.64
N TRP B 126 -30.77 9.22 -0.20
CA TRP B 126 -31.72 8.17 0.16
C TRP B 126 -31.01 6.83 0.29
N TRP B 127 -30.23 6.44 -0.73
CA TRP B 127 -29.56 5.15 -0.75
C TRP B 127 -28.71 4.97 0.50
N THR B 128 -27.89 5.95 0.82
CA THR B 128 -27.02 5.84 1.98
C THR B 128 -27.82 5.87 3.27
N ASN B 129 -28.98 6.55 3.26
CA ASN B 129 -29.87 6.50 4.42
C ASN B 129 -30.38 5.08 4.64
N VAL B 130 -30.64 4.33 3.56
CA VAL B 130 -31.08 2.94 3.72
C VAL B 130 -29.94 2.10 4.33
N ALA B 131 -28.73 2.24 3.80
CA ALA B 131 -27.59 1.56 4.40
C ALA B 131 -27.44 1.91 5.88
N ALA B 132 -27.57 3.20 6.21
CA ALA B 132 -27.36 3.64 7.59
C ALA B 132 -28.46 3.14 8.53
N LYS B 133 -29.69 3.04 8.05
CA LYS B 133 -30.75 2.47 8.89
C LYS B 133 -30.40 1.04 9.27
N ALA B 134 -29.87 0.27 8.32
CA ALA B 134 -29.56 -1.13 8.57
C ALA B 134 -28.36 -1.33 9.50
N VAL B 135 -27.36 -0.47 9.49
CA VAL B 135 -26.15 -0.70 10.25
C VAL B 135 -26.05 0.18 11.48
N VAL B 136 -26.63 1.36 11.48
CA VAL B 136 -26.51 2.28 12.60
C VAL B 136 -27.67 2.03 13.54
N ASP B 137 -28.88 2.22 13.03
CA ASP B 137 -30.06 1.92 13.84
C ASP B 137 -30.20 0.43 14.06
N GLY B 138 -29.80 -0.38 13.09
CA GLY B 138 -29.97 -1.81 13.17
C GLY B 138 -28.76 -2.53 13.71
N THR B 139 -28.75 -3.84 13.53
CA THR B 139 -27.78 -4.72 14.16
C THR B 139 -26.69 -5.16 13.22
N CYS B 140 -26.75 -4.79 11.94
CA CYS B 140 -25.65 -5.16 11.06
C CYS B 140 -24.43 -4.29 11.37
N ASP B 141 -23.27 -4.82 11.03
CA ASP B 141 -22.00 -4.17 11.31
C ASP B 141 -21.39 -3.50 10.10
N GLY B 142 -22.02 -3.64 8.94
CA GLY B 142 -21.53 -2.97 7.74
C GLY B 142 -22.45 -3.24 6.58
N VAL B 143 -22.02 -2.77 5.41
CA VAL B 143 -22.79 -2.87 4.18
C VAL B 143 -21.92 -3.48 3.09
N PHE B 144 -22.55 -4.30 2.25
CA PHE B 144 -21.91 -4.88 1.07
C PHE B 144 -22.42 -4.12 -0.16
N MET B 145 -21.52 -3.39 -0.82
CA MET B 145 -21.87 -2.52 -1.94
C MET B 145 -21.55 -3.26 -3.24
N ASP B 146 -22.56 -3.85 -3.85
CA ASP B 146 -22.36 -4.69 -5.02
C ASP B 146 -22.34 -3.86 -6.30
N ALA B 147 -21.81 -4.47 -7.37
CA ALA B 147 -22.10 -4.11 -8.74
C ALA B 147 -21.15 -3.08 -9.34
N PHE B 148 -19.98 -2.86 -8.73
CA PHE B 148 -19.10 -1.82 -9.23
C PHE B 148 -18.67 -2.06 -10.68
N PRO B 149 -18.32 -3.28 -11.12
CA PRO B 149 -17.94 -3.45 -12.53
C PRO B 149 -19.08 -3.15 -13.50
N GLN B 150 -20.33 -3.41 -13.09
CA GLN B 150 -21.48 -2.99 -13.87
C GLN B 150 -21.52 -1.48 -14.06
N ILE B 151 -21.27 -0.73 -12.99
CA ILE B 151 -21.35 0.73 -13.05
C ILE B 151 -20.29 1.28 -13.99
N ALA B 152 -19.08 0.70 -13.94
CA ALA B 152 -17.94 1.20 -14.68
C ALA B 152 -17.90 0.72 -16.12
N SER B 153 -18.76 -0.23 -16.50
CA SER B 153 -18.66 -0.82 -17.82
C SER B 153 -18.76 0.28 -18.88
N GLN B 154 -17.79 0.29 -19.80
CA GLN B 154 -17.75 1.34 -20.82
C GLN B 154 -18.96 1.28 -21.74
N ALA B 155 -19.61 0.12 -21.84
CA ALA B 155 -20.83 0.05 -22.65
C ALA B 155 -21.89 1.01 -22.15
N ASN B 156 -21.85 1.42 -20.87
CA ASN B 156 -22.85 2.39 -20.40
C ASN B 156 -22.71 3.75 -21.09
N ARG B 157 -21.53 4.06 -21.64
CA ARG B 157 -21.42 5.27 -22.45
C ARG B 157 -22.41 5.26 -23.60
N LYS B 158 -22.73 4.07 -24.15
CA LYS B 158 -23.67 4.04 -25.28
C LYS B 158 -25.07 4.38 -24.81
N LEU B 159 -25.42 3.94 -23.59
CA LEU B 159 -26.74 4.16 -23.04
C LEU B 159 -26.93 5.58 -22.52
N TRP B 160 -25.89 6.18 -21.93
CA TRP B 160 -26.04 7.47 -21.25
C TRP B 160 -25.35 8.63 -21.93
N GLY B 161 -24.40 8.35 -22.81
CA GLY B 161 -23.54 9.43 -23.30
C GLY B 161 -22.34 9.62 -22.40
N ASP B 162 -21.26 10.12 -23.02
CA ASP B 162 -19.99 10.31 -22.31
C ASP B 162 -20.16 11.24 -21.10
N GLU B 163 -20.97 12.29 -21.26
CA GLU B 163 -21.11 13.27 -20.18
C GLU B 163 -21.75 12.61 -18.96
N LYS B 164 -22.89 11.96 -19.16
CA LYS B 164 -23.61 11.35 -18.06
C LYS B 164 -22.83 10.17 -17.47
N PHE B 165 -22.16 9.39 -18.32
CA PHE B 165 -21.35 8.29 -17.82
C PHE B 165 -20.35 8.80 -16.80
N GLU B 166 -19.62 9.88 -17.13
CA GLU B 166 -18.61 10.38 -16.21
C GLU B 166 -19.23 11.00 -14.96
N ALA B 167 -20.44 11.56 -15.10
CA ALA B 167 -21.20 11.98 -13.92
C ALA B 167 -21.46 10.80 -13.00
N ILE B 168 -21.80 9.65 -13.58
CA ILE B 168 -22.13 8.47 -12.77
C ILE B 168 -20.87 7.90 -12.10
N GLN B 169 -19.79 7.82 -12.84
CA GLN B 169 -18.53 7.42 -12.24
C GLN B 169 -18.19 8.31 -11.04
N GLN B 170 -18.28 9.63 -11.20
CA GLN B 170 -18.09 10.49 -10.04
C GLN B 170 -19.12 10.19 -8.96
N GLY B 171 -20.37 9.96 -9.36
CA GLY B 171 -21.41 9.62 -8.39
C GLY B 171 -21.08 8.39 -7.56
N LEU B 172 -20.42 7.39 -8.16
CA LEU B 172 -20.02 6.22 -7.39
C LEU B 172 -19.04 6.60 -6.28
N GLN B 173 -18.03 7.39 -6.65
CA GLN B 173 -17.10 7.89 -5.63
C GLN B 173 -17.84 8.71 -4.56
N ASP B 174 -18.84 9.49 -4.96
CA ASP B 174 -19.58 10.28 -3.97
C ASP B 174 -20.41 9.38 -3.05
N ILE B 175 -21.05 8.35 -3.61
CA ILE B 175 -21.92 7.51 -2.79
C ILE B 175 -21.09 6.75 -1.75
N ILE B 176 -19.92 6.28 -2.15
CA ILE B 176 -19.03 5.58 -1.21
C ILE B 176 -18.64 6.52 -0.09
N GLN B 177 -18.17 7.72 -0.44
CA GLN B 177 -17.82 8.71 0.56
C GLN B 177 -19.00 9.04 1.47
N GLU B 178 -20.19 9.20 0.88
CA GLU B 178 -21.36 9.52 1.68
C GLU B 178 -21.78 8.37 2.57
N THR B 179 -21.60 7.13 2.12
CA THR B 179 -21.87 5.97 2.96
C THR B 179 -20.99 5.99 4.21
N ARG B 180 -19.68 6.15 4.03
CA ARG B 180 -18.79 6.18 5.19
C ARG B 180 -19.16 7.28 6.16
N GLN B 181 -19.48 8.48 5.62
CA GLN B 181 -19.85 9.60 6.47
C GLN B 181 -21.06 9.27 7.35
N LYS B 182 -22.06 8.58 6.78
CA LYS B 182 -23.30 8.32 7.51
C LYS B 182 -23.20 7.12 8.45
N ILE B 183 -22.38 6.10 8.14
CA ILE B 183 -22.31 4.95 9.03
C ILE B 183 -21.18 5.05 10.05
N GLY B 184 -20.18 5.89 9.80
CA GLY B 184 -19.09 6.07 10.74
C GLY B 184 -17.90 5.18 10.43
N ASP B 185 -16.81 5.44 11.15
CA ASP B 185 -15.54 4.76 10.92
C ASP B 185 -15.47 3.38 11.55
N ASP B 186 -16.43 3.03 12.43
CA ASP B 186 -16.46 1.76 13.13
C ASP B 186 -17.31 0.70 12.43
N LYS B 187 -17.86 0.99 11.24
CA LYS B 187 -18.65 0.07 10.45
C LYS B 187 -17.83 -0.34 9.24
N LEU B 188 -18.17 -1.50 8.69
CA LEU B 188 -17.42 -2.09 7.58
C LEU B 188 -18.08 -1.78 6.23
N ILE B 189 -17.26 -1.35 5.28
CA ILE B 189 -17.70 -1.19 3.90
C ILE B 189 -17.00 -2.25 3.07
N VAL B 190 -17.78 -3.23 2.64
CA VAL B 190 -17.36 -4.27 1.71
C VAL B 190 -17.90 -3.92 0.35
N TYR B 191 -17.13 -4.17 -0.71
CA TYR B 191 -17.65 -3.92 -2.05
C TYR B 191 -17.17 -4.99 -3.02
N ASN B 192 -17.94 -5.16 -4.09
CA ASN B 192 -17.62 -6.06 -5.20
C ASN B 192 -17.28 -5.18 -6.39
N GLY B 193 -16.03 -5.19 -6.83
CA GLY B 193 -14.95 -5.97 -6.27
C GLY B 193 -13.67 -5.92 -7.05
N ILE B 194 -12.71 -6.73 -6.64
CA ILE B 194 -11.54 -7.01 -7.45
C ILE B 194 -11.97 -7.94 -8.59
N ARG B 195 -11.51 -7.64 -9.79
CA ARG B 195 -11.87 -8.45 -10.94
C ARG B 195 -10.71 -8.42 -11.92
N SER B 196 -10.32 -9.59 -12.40
CA SER B 196 -9.29 -9.73 -13.40
C SER B 196 -9.84 -10.48 -14.62
N THR B 197 -9.86 -9.81 -15.76
CA THR B 197 -10.17 -10.44 -17.04
C THR B 197 -9.11 -10.09 -18.07
N PRO B 198 -9.05 -10.81 -19.19
CA PRO B 198 -7.98 -10.54 -20.18
C PRO B 198 -8.01 -9.11 -20.70
N ASP B 199 -9.19 -8.50 -20.83
CA ASP B 199 -9.27 -7.17 -21.40
C ASP B 199 -9.57 -6.05 -20.42
N TRP B 200 -9.83 -6.35 -19.14
CA TRP B 200 -10.33 -5.33 -18.20
C TRP B 200 -10.10 -5.85 -16.80
N SER B 201 -9.35 -5.10 -15.98
CA SER B 201 -9.10 -5.51 -14.61
C SER B 201 -9.24 -4.34 -13.65
N ALA B 202 -9.74 -4.64 -12.45
CA ALA B 202 -9.90 -3.67 -11.36
C ALA B 202 -9.26 -4.25 -10.11
N GLY B 203 -8.29 -3.52 -9.54
CA GLY B 203 -7.72 -3.85 -8.25
C GLY B 203 -8.54 -3.21 -7.14
N PHE B 204 -7.99 -3.25 -5.92
CA PHE B 204 -8.64 -2.62 -4.78
C PHE B 204 -8.71 -1.11 -5.02
N ASP B 205 -9.88 -0.53 -4.89
CA ASP B 205 -10.10 0.87 -5.23
C ASP B 205 -10.87 1.57 -4.10
N PHE B 206 -10.93 2.90 -4.20
CA PHE B 206 -11.60 3.74 -3.23
C PHE B 206 -11.13 3.42 -1.82
N ALA B 207 -9.84 3.11 -1.68
CA ALA B 207 -9.29 2.69 -0.40
C ALA B 207 -9.39 3.77 0.67
N GLU B 208 -9.68 5.02 0.31
CA GLU B 208 -9.88 6.03 1.33
C GLU B 208 -11.08 5.73 2.23
N TYR B 209 -12.04 4.94 1.74
CA TYR B 209 -13.32 4.81 2.43
C TYR B 209 -13.70 3.35 2.67
N THR B 210 -13.27 2.45 1.78
CA THR B 210 -13.67 1.06 1.83
C THR B 210 -12.70 0.23 2.66
N ASP B 211 -13.23 -0.85 3.23
CA ASP B 211 -12.48 -1.76 4.10
C ASP B 211 -12.14 -3.09 3.43
N ALA B 212 -13.04 -3.61 2.60
CA ALA B 212 -12.97 -4.98 2.14
C ALA B 212 -13.39 -5.04 0.68
N ALA B 213 -12.74 -5.89 -0.10
CA ALA B 213 -13.14 -6.14 -1.49
C ALA B 213 -13.31 -7.63 -1.69
N MET B 214 -14.34 -8.01 -2.46
CA MET B 214 -14.54 -9.40 -2.86
C MET B 214 -13.80 -9.65 -4.17
N ILE B 215 -13.14 -10.80 -4.28
CA ILE B 215 -12.74 -11.37 -5.57
C ILE B 215 -13.81 -12.41 -5.93
N GLU B 216 -14.82 -11.97 -6.68
CA GLU B 216 -16.02 -12.80 -6.80
C GLU B 216 -15.84 -13.98 -7.74
N HIS B 217 -15.00 -13.83 -8.77
CA HIS B 217 -14.97 -14.76 -9.89
C HIS B 217 -13.71 -15.60 -9.90
N PHE B 218 -13.06 -15.80 -8.76
CA PHE B 218 -11.76 -16.43 -8.77
C PHE B 218 -11.81 -17.74 -9.54
N GLY B 219 -10.92 -17.90 -10.50
CA GLY B 219 -10.81 -19.14 -11.22
C GLY B 219 -11.91 -19.45 -12.21
N HIS B 220 -12.87 -18.55 -12.42
CA HIS B 220 -14.06 -18.88 -13.21
C HIS B 220 -14.51 -17.69 -14.03
N PHE B 221 -15.58 -17.90 -14.81
CA PHE B 221 -16.20 -16.87 -15.64
C PHE B 221 -15.12 -16.41 -16.61
N GLN B 222 -14.78 -15.13 -16.67
CA GLN B 222 -13.73 -14.61 -17.54
C GLN B 222 -12.37 -14.55 -16.85
N SER B 223 -12.26 -15.09 -15.63
CA SER B 223 -11.04 -15.00 -14.82
C SER B 223 -10.38 -16.36 -14.60
N ALA B 224 -10.67 -17.32 -15.49
CA ALA B 224 -10.17 -18.69 -15.36
C ALA B 224 -8.75 -18.87 -15.88
N SER B 225 -8.21 -17.92 -16.64
CA SER B 225 -6.85 -18.13 -17.15
C SER B 225 -5.81 -18.01 -16.05
N LYS B 226 -4.64 -18.60 -16.31
CA LYS B 226 -3.55 -18.52 -15.35
C LYS B 226 -3.13 -17.07 -15.12
N GLU B 227 -3.19 -16.25 -16.19
CA GLU B 227 -2.87 -14.84 -16.08
C GLU B 227 -3.81 -14.13 -15.10
N THR B 228 -5.12 -14.34 -15.25
CA THR B 228 -6.05 -13.61 -14.41
C THR B 228 -6.06 -14.13 -12.98
N MET B 229 -5.89 -15.45 -12.80
CA MET B 229 -5.80 -16.03 -11.46
C MET B 229 -4.61 -15.47 -10.70
N LEU B 230 -3.48 -15.34 -11.38
CA LEU B 230 -2.31 -14.79 -10.72
C LEU B 230 -2.54 -13.34 -10.34
N ARG B 231 -3.18 -12.58 -11.24
CA ARG B 231 -3.53 -11.19 -10.92
C ARG B 231 -4.40 -11.12 -9.68
N ASP B 232 -5.42 -11.99 -9.59
CA ASP B 232 -6.29 -11.97 -8.42
C ASP B 232 -5.50 -12.27 -7.14
N ILE B 233 -4.64 -13.29 -7.19
CA ILE B 233 -3.87 -13.67 -5.99
C ILE B 233 -2.90 -12.57 -5.59
N LEU B 234 -2.19 -12.00 -6.57
CA LEU B 234 -1.25 -10.91 -6.27
C LEU B 234 -1.98 -9.70 -5.71
N GLU B 235 -3.18 -9.42 -6.19
CA GLU B 235 -3.90 -8.27 -5.68
C GLU B 235 -4.44 -8.52 -4.27
N MET B 236 -4.87 -9.76 -3.99
CA MET B 236 -5.26 -10.11 -2.61
C MET B 236 -4.10 -9.81 -1.67
N GLN B 237 -2.92 -10.34 -2.02
CA GLN B 237 -1.73 -10.20 -1.18
C GLN B 237 -1.36 -8.74 -0.97
N ARG B 238 -1.32 -7.94 -2.03
CA ARG B 238 -0.94 -6.54 -1.88
C ARG B 238 -1.97 -5.80 -1.00
N ALA B 239 -3.25 -5.98 -1.29
CA ALA B 239 -4.27 -5.21 -0.59
C ALA B 239 -4.33 -5.58 0.88
N ALA B 240 -4.15 -6.87 1.19
CA ALA B 240 -4.19 -7.31 2.58
C ALA B 240 -2.92 -6.89 3.31
N LYS B 241 -1.77 -6.88 2.60
CA LYS B 241 -0.58 -6.32 3.21
C LYS B 241 -0.74 -4.81 3.47
N ALA B 242 -1.52 -4.15 2.65
CA ALA B 242 -1.78 -2.72 2.86
C ALA B 242 -2.77 -2.47 3.99
N GLY B 243 -3.32 -3.52 4.59
CA GLY B 243 -4.24 -3.36 5.70
C GLY B 243 -5.71 -3.52 5.37
N LYS B 244 -6.05 -4.02 4.18
CA LYS B 244 -7.44 -4.20 3.80
C LYS B 244 -7.88 -5.64 4.03
N ILE B 245 -9.19 -5.83 4.12
CA ILE B 245 -9.81 -7.16 4.07
C ILE B 245 -9.99 -7.58 2.62
N VAL B 246 -9.75 -8.86 2.33
CA VAL B 246 -10.02 -9.43 1.01
C VAL B 246 -10.79 -10.73 1.21
N VAL B 247 -11.89 -10.88 0.47
CA VAL B 247 -12.72 -12.08 0.48
C VAL B 247 -12.58 -12.73 -0.91
N LEU B 248 -11.99 -13.91 -0.94
CA LEU B 248 -11.80 -14.70 -2.15
C LEU B 248 -12.91 -15.74 -2.26
N LYS B 249 -13.72 -15.61 -3.29
CA LYS B 249 -14.90 -16.44 -3.49
C LYS B 249 -14.46 -17.56 -4.42
N GLY B 250 -14.18 -18.73 -3.85
CA GLY B 250 -13.91 -19.88 -4.67
C GLY B 250 -15.19 -20.57 -5.09
N TRP B 251 -15.09 -21.30 -6.19
CA TRP B 251 -16.17 -22.05 -6.80
C TRP B 251 -15.86 -23.53 -6.81
N ALA B 252 -16.85 -24.33 -6.46
CA ALA B 252 -16.66 -25.75 -6.19
C ALA B 252 -16.71 -26.60 -7.46
N GLY B 253 -15.99 -26.17 -8.52
CA GLY B 253 -15.90 -26.89 -9.76
C GLY B 253 -17.02 -26.57 -10.76
N PHE B 254 -17.96 -25.72 -10.38
CA PHE B 254 -19.09 -25.31 -11.19
C PHE B 254 -19.75 -24.16 -10.46
N THR B 255 -20.70 -23.51 -11.14
CA THR B 255 -21.41 -22.36 -10.61
C THR B 255 -22.91 -22.51 -10.88
N PHE B 256 -23.70 -21.71 -10.15
CA PHE B 256 -25.15 -21.75 -10.27
C PHE B 256 -25.65 -21.35 -11.65
N ILE B 257 -24.81 -20.78 -12.52
CA ILE B 257 -25.30 -20.46 -13.86
C ILE B 257 -25.20 -21.67 -14.81
N ASP B 258 -24.28 -22.59 -14.55
N ASP B 258 -24.28 -22.59 -14.55
CA ASP B 258 -24.16 -23.77 -15.40
CA ASP B 258 -24.16 -23.77 -15.41
C ASP B 258 -25.40 -24.64 -15.22
C ASP B 258 -25.39 -24.64 -15.23
N ASP B 259 -26.33 -24.56 -16.17
CA ASP B 259 -27.58 -25.31 -16.06
C ASP B 259 -27.31 -26.81 -15.91
N GLN B 260 -26.50 -27.39 -16.81
CA GLN B 260 -26.34 -28.84 -16.77
C GLN B 260 -25.74 -29.29 -15.45
N ALA B 261 -24.72 -28.57 -14.95
CA ALA B 261 -24.13 -28.92 -13.66
C ALA B 261 -25.15 -28.78 -12.53
N MET B 262 -25.95 -27.72 -12.56
CA MET B 262 -26.95 -27.51 -11.51
C MET B 262 -28.04 -28.58 -11.54
N ARG B 263 -28.22 -29.27 -12.68
CA ARG B 263 -29.24 -30.29 -12.80
C ARG B 263 -28.74 -31.66 -12.32
N LYS B 264 -27.45 -31.77 -12.00
CA LYS B 264 -26.89 -33.00 -11.46
C LYS B 264 -27.32 -33.18 -10.01
N PRO B 265 -27.33 -34.42 -9.53
CA PRO B 265 -27.80 -34.69 -8.15
C PRO B 265 -26.80 -34.23 -7.10
N LEU B 266 -27.33 -34.05 -5.88
CA LEU B 266 -26.48 -33.56 -4.78
C LEU B 266 -25.26 -34.45 -4.60
N THR B 267 -25.44 -35.76 -4.70
CA THR B 267 -24.32 -36.68 -4.52
C THR B 267 -23.21 -36.39 -5.53
N GLN B 268 -23.56 -36.18 -6.80
CA GLN B 268 -22.54 -35.79 -7.76
C GLN B 268 -22.02 -34.39 -7.46
N LYS B 269 -22.91 -33.45 -7.13
CA LYS B 269 -22.48 -32.11 -6.76
C LYS B 269 -21.43 -32.16 -5.63
N ARG B 270 -21.69 -32.96 -4.60
CA ARG B 270 -20.76 -33.05 -3.48
C ARG B 270 -19.45 -33.72 -3.89
N ARG B 271 -19.52 -34.74 -4.76
CA ARG B 271 -18.29 -35.39 -5.24
C ARG B 271 -17.41 -34.39 -5.98
N VAL B 272 -18.02 -33.62 -6.88
CA VAL B 272 -17.26 -32.63 -7.62
C VAL B 272 -16.74 -31.55 -6.67
N ALA B 273 -17.56 -31.17 -5.67
CA ALA B 273 -17.15 -30.15 -4.73
C ALA B 273 -15.92 -30.60 -3.93
N LYS B 274 -15.91 -31.88 -3.55
CA LYS B 274 -14.78 -32.43 -2.79
C LYS B 274 -13.54 -32.53 -3.66
N ASP B 275 -13.71 -32.97 -4.91
CA ASP B 275 -12.57 -33.08 -5.82
C ASP B 275 -12.00 -31.70 -6.19
N SER B 276 -12.82 -30.66 -6.15
CA SER B 276 -12.42 -29.37 -6.70
C SER B 276 -11.87 -28.40 -5.66
N LEU B 277 -11.83 -28.80 -4.39
CA LEU B 277 -11.46 -27.87 -3.33
C LEU B 277 -9.97 -27.55 -3.34
N LYS B 278 -9.11 -28.55 -3.57
CA LYS B 278 -7.67 -28.38 -3.28
C LYS B 278 -7.07 -27.23 -4.07
N PHE B 279 -7.42 -27.11 -5.36
CA PHE B 279 -6.80 -26.08 -6.19
C PHE B 279 -7.14 -24.68 -5.69
N PRO B 280 -8.41 -24.27 -5.66
CA PRO B 280 -8.70 -22.89 -5.20
C PRO B 280 -8.29 -22.67 -3.75
N LEU B 281 -8.32 -23.71 -2.90
CA LEU B 281 -7.88 -23.50 -1.52
C LEU B 281 -6.38 -23.21 -1.45
N ALA B 282 -5.60 -23.92 -2.24
CA ALA B 282 -4.17 -23.69 -2.28
C ALA B 282 -3.82 -22.34 -2.90
N CYS B 283 -4.58 -21.89 -3.91
CA CYS B 283 -4.36 -20.55 -4.44
C CYS B 283 -4.58 -19.50 -3.35
N PHE B 284 -5.68 -19.63 -2.62
CA PHE B 284 -5.94 -18.73 -1.51
C PHE B 284 -4.82 -18.76 -0.48
N LEU B 285 -4.42 -19.96 -0.04
CA LEU B 285 -3.38 -20.01 1.00
C LEU B 285 -2.02 -19.56 0.49
N ALA B 286 -1.76 -19.75 -0.80
CA ALA B 286 -0.51 -19.26 -1.37
C ALA B 286 -0.36 -17.77 -1.14
N GLY B 287 -1.45 -17.00 -1.31
CA GLY B 287 -1.34 -15.56 -1.21
C GLY B 287 -1.94 -14.93 0.03
N ALA B 288 -2.57 -15.73 0.87
CA ALA B 288 -3.39 -15.17 1.93
C ALA B 288 -2.52 -14.39 2.94
N GLN B 289 -3.10 -13.34 3.50
CA GLN B 289 -2.47 -12.53 4.53
C GLN B 289 -3.51 -12.35 5.62
N GLU B 290 -3.15 -11.61 6.67
CA GLU B 290 -4.11 -11.30 7.71
C GLU B 290 -5.33 -10.64 7.07
N ASN B 291 -6.50 -10.96 7.60
CA ASN B 291 -7.78 -10.40 7.16
C ASN B 291 -8.16 -10.82 5.75
N CYS B 292 -7.64 -11.95 5.29
CA CYS B 292 -8.11 -12.61 4.09
C CYS B 292 -9.05 -13.76 4.46
N TYR B 293 -10.14 -13.88 3.68
CA TYR B 293 -11.20 -14.83 3.91
C TYR B 293 -11.53 -15.62 2.64
N PHE B 294 -11.76 -16.91 2.81
CA PHE B 294 -12.10 -17.83 1.74
C PHE B 294 -13.57 -18.19 1.84
N ILE B 295 -14.23 -18.33 0.67
CA ILE B 295 -15.60 -18.84 0.57
C ILE B 295 -15.58 -19.91 -0.50
N TYR B 296 -16.29 -21.02 -0.26
CA TYR B 296 -16.22 -22.17 -1.16
C TYR B 296 -17.57 -22.87 -1.28
N ASN B 297 -18.16 -22.81 -2.46
CA ASN B 297 -19.51 -23.28 -2.70
C ASN B 297 -19.82 -23.04 -4.17
N TRP B 298 -21.08 -23.28 -4.60
CA TRP B 298 -21.41 -23.08 -6.00
C TRP B 298 -22.50 -22.04 -6.21
N GLY B 299 -22.72 -21.15 -5.25
CA GLY B 299 -23.74 -20.12 -5.39
C GLY B 299 -24.04 -19.39 -4.09
N TYR B 300 -25.13 -18.60 -4.13
CA TYR B 300 -25.49 -17.62 -3.11
C TYR B 300 -26.81 -17.91 -2.39
N ARG B 301 -27.54 -18.96 -2.78
CA ARG B 301 -28.63 -19.47 -1.96
C ARG B 301 -28.08 -20.53 -1.02
N MET B 302 -28.62 -20.59 0.20
CA MET B 302 -28.10 -21.47 1.25
C MET B 302 -27.81 -22.87 0.71
N GLU B 303 -28.74 -23.37 -0.12
CA GLU B 303 -28.68 -24.71 -0.65
C GLU B 303 -27.61 -24.91 -1.73
N ASN B 304 -26.95 -23.85 -2.20
CA ASN B 304 -25.94 -23.98 -3.26
C ASN B 304 -24.58 -24.32 -2.64
N GLY B 305 -24.53 -25.29 -1.74
CA GLY B 305 -23.28 -25.69 -1.14
C GLY B 305 -22.81 -24.84 0.03
N CYS B 306 -23.59 -23.86 0.47
CA CYS B 306 -23.07 -22.85 1.38
C CYS B 306 -22.90 -23.33 2.82
N LEU B 307 -23.61 -24.36 3.25
CA LEU B 307 -23.42 -24.94 4.57
C LEU B 307 -22.80 -26.34 4.48
N GLU B 308 -22.16 -26.65 3.37
CA GLU B 308 -21.28 -27.80 3.32
C GLU B 308 -20.03 -27.49 4.13
N TRP B 309 -19.43 -28.53 4.70
CA TRP B 309 -18.15 -28.37 5.41
C TRP B 309 -17.16 -29.37 4.86
N TYR B 310 -15.88 -29.07 5.03
CA TYR B 310 -14.76 -29.87 4.56
C TYR B 310 -13.73 -30.05 5.67
N PRO B 311 -13.15 -31.25 5.81
CA PRO B 311 -12.10 -31.42 6.84
C PRO B 311 -10.96 -30.43 6.70
N GLU B 312 -10.66 -29.97 5.47
CA GLU B 312 -9.60 -28.99 5.26
C GLU B 312 -9.81 -27.75 6.09
N PHE B 313 -11.06 -27.43 6.44
CA PHE B 313 -11.38 -26.21 7.17
C PHE B 313 -11.29 -26.42 8.67
N ASP B 314 -11.04 -27.67 9.10
CA ASP B 314 -10.78 -27.97 10.50
C ASP B 314 -9.31 -28.22 10.78
N LYS B 315 -8.49 -28.38 9.75
CA LYS B 315 -7.10 -28.74 9.94
C LYS B 315 -6.32 -27.58 10.57
N PRO B 316 -5.35 -27.88 11.42
CA PRO B 316 -4.42 -26.84 11.88
C PRO B 316 -3.73 -26.17 10.70
N LEU B 317 -3.70 -24.84 10.71
CA LEU B 317 -2.98 -24.09 9.70
C LEU B 317 -1.78 -23.38 10.32
N GLY B 318 -2.03 -22.46 11.23
CA GLY B 318 -1.00 -21.72 11.89
C GLY B 318 -0.63 -20.50 11.06
N LYS B 319 0.15 -19.63 11.67
CA LYS B 319 0.60 -18.42 10.99
C LYS B 319 1.51 -18.75 9.82
N PRO B 320 1.52 -17.90 8.78
CA PRO B 320 2.52 -18.04 7.71
C PRO B 320 3.90 -17.82 8.30
N VAL B 321 4.86 -18.64 7.90
CA VAL B 321 6.23 -18.48 8.39
C VAL B 321 7.17 -18.09 7.26
N GLY B 322 6.65 -17.87 6.06
CA GLY B 322 7.43 -17.29 4.97
C GLY B 322 6.47 -16.61 4.00
N GLU B 323 7.06 -15.80 3.15
CA GLU B 323 6.32 -15.09 2.10
C GLU B 323 5.98 -16.03 0.95
N MET B 324 4.91 -15.70 0.24
CA MET B 324 4.64 -16.38 -1.02
C MET B 324 5.89 -16.37 -1.88
N VAL B 325 6.21 -17.53 -2.45
CA VAL B 325 7.31 -17.68 -3.40
C VAL B 325 6.71 -18.05 -4.73
N ARG B 326 7.06 -17.29 -5.76
CA ARG B 326 6.52 -17.47 -7.11
C ARG B 326 7.67 -17.77 -8.07
N ASP B 327 7.55 -18.84 -8.83
CA ASP B 327 8.45 -19.13 -9.95
C ASP B 327 7.57 -19.44 -11.15
N GLY B 328 7.52 -18.53 -12.10
CA GLY B 328 6.60 -18.71 -13.24
C GLY B 328 5.16 -18.78 -12.75
N TRP B 329 4.45 -19.85 -13.13
CA TRP B 329 3.06 -20.06 -12.71
C TRP B 329 2.95 -20.90 -11.44
N LYS B 330 4.07 -21.18 -10.79
CA LYS B 330 4.10 -22.00 -9.58
C LYS B 330 4.21 -21.11 -8.34
N LEU B 331 3.35 -21.36 -7.36
CA LEU B 331 3.39 -20.61 -6.12
C LEU B 331 3.65 -21.55 -4.95
N SER B 332 4.31 -21.06 -3.93
CA SER B 332 4.43 -21.84 -2.70
C SER B 332 4.39 -20.93 -1.47
N ARG B 333 4.04 -21.53 -0.34
CA ARG B 333 3.88 -20.75 0.88
C ARG B 333 4.00 -21.70 2.07
N GLU B 334 4.67 -21.26 3.10
CA GLU B 334 4.91 -22.06 4.29
C GLU B 334 4.12 -21.49 5.45
N TYR B 335 3.29 -22.31 6.05
CA TYR B 335 2.60 -22.00 7.28
C TYR B 335 3.21 -22.86 8.39
N LYS B 336 2.81 -22.55 9.62
CA LYS B 336 3.41 -23.23 10.76
C LYS B 336 3.10 -24.71 10.71
N HIS B 337 1.88 -25.06 10.23
CA HIS B 337 1.46 -26.47 10.24
C HIS B 337 1.08 -27.02 8.87
N ALA B 338 1.49 -26.36 7.79
CA ALA B 338 1.21 -26.81 6.43
C ALA B 338 2.14 -26.11 5.43
N SER B 339 2.57 -26.86 4.40
CA SER B 339 3.26 -26.32 3.23
C SER B 339 2.32 -26.35 2.04
N VAL B 340 2.25 -25.24 1.29
CA VAL B 340 1.38 -25.15 0.13
C VAL B 340 2.20 -25.03 -1.15
N ARG B 341 1.74 -25.71 -2.20
CA ARG B 341 2.27 -25.57 -3.55
C ARG B 341 1.10 -25.58 -4.53
N VAL B 342 1.16 -24.72 -5.55
CA VAL B 342 0.13 -24.74 -6.58
C VAL B 342 0.75 -24.29 -7.89
N ASP B 343 0.21 -24.83 -9.00
CA ASP B 343 0.70 -24.55 -10.35
C ASP B 343 -0.51 -24.05 -11.13
N LEU B 344 -0.53 -22.76 -11.44
CA LEU B 344 -1.71 -22.15 -12.02
C LEU B 344 -1.92 -22.58 -13.47
N GLU B 345 -0.89 -23.09 -14.12
CA GLU B 345 -0.93 -23.56 -15.49
C GLU B 345 -1.49 -24.99 -15.55
N SER B 346 -0.98 -25.91 -14.72
CA SER B 346 -1.48 -27.29 -14.73
C SER B 346 -2.62 -27.51 -13.77
N LYS B 347 -2.89 -26.56 -12.88
CA LYS B 347 -3.87 -26.70 -11.80
C LYS B 347 -3.52 -27.83 -10.82
N GLU B 348 -2.26 -28.21 -10.74
CA GLU B 348 -1.84 -29.13 -9.70
C GLU B 348 -1.66 -28.38 -8.38
N ALA B 349 -2.00 -29.03 -7.28
CA ALA B 349 -1.99 -28.39 -5.98
C ALA B 349 -1.66 -29.44 -4.95
N GLU B 350 -0.95 -29.01 -3.90
CA GLU B 350 -0.60 -29.81 -2.76
C GLU B 350 -0.80 -28.94 -1.52
N ILE B 351 -1.48 -29.48 -0.52
CA ILE B 351 -1.52 -28.84 0.78
C ILE B 351 -1.00 -29.91 1.72
N ARG B 352 0.30 -29.80 2.06
CA ARG B 352 0.94 -30.79 2.93
C ARG B 352 0.66 -30.42 4.38
N TRP B 353 -0.45 -30.95 4.92
CA TRP B 353 -0.76 -30.76 6.32
C TRP B 353 0.25 -31.52 7.17
N ARG B 354 0.56 -30.95 8.33
CA ARG B 354 1.50 -31.57 9.25
C ARG B 354 0.88 -31.63 10.64
#